data_3NA0
#
_entry.id   3NA0
#
_cell.length_a   82.806
_cell.length_b   114.724
_cell.length_c   85.716
_cell.angle_alpha   90.000
_cell.angle_beta   101.780
_cell.angle_gamma   90.000
#
_symmetry.space_group_name_H-M   'P 1 21 1'
#
loop_
_entity.id
_entity.type
_entity.pdbx_description
1 polymer 'Cholesterol side-chain cleavage enzyme, mitochondrial'
2 polymer 'Adrenodoxin, mitochondrial'
3 non-polymer 'PROTOPORPHYRIN IX CONTAINING FE'
4 non-polymer (3alpha,8alpha,22R)-cholest-5-ene-3,20,22-triol
5 non-polymer 'FE2/S2 (INORGANIC) CLUSTER'
6 water water
#
loop_
_entity_poly.entity_id
_entity_poly.type
_entity_poly.pdbx_seq_one_letter_code
_entity_poly.pdbx_strand_id
1 'polypeptide(L)'
;SPRPFNEIPSPGDNGWLNLYHFWRETGTHKVHLHHVQNFQKYGPIYREKLGNVESVYVIDPEDVALLFKSEGPNPERFLI
PPWVAYHQYYQRPIGVLLKKSAAWKKDRVALNQEVMAPEATKNFLPLLDAVSRDFVSVLHRRIKKAGSGNYSGDISDDLF
RFAFESITNVIFGERQGMLEEVVNPEAQRFIDAIYQMFHTSVPMLNLPPDLFRLFRTKTWKDHVAAWDVIFSKADIYTQN
FYWELRQKGSVHHDYRGILYRLLGDSKMSFEDIKANVTEMLAGGVDTTSMTLQWHLYEMARNLKVQDMLRAEVLAARHQA
QGDMATMLQLVPLLKASIKETLRLHPISVTLQRYLVNDLVLRDYMIPAKTLVQVAIYALGREPTFFFDPENFDPTRWLSK
DKNITYFRNLGFGWGVRQCLGRRIAELEMTIFLINMLENFRVEIQHLSDVGTTFNLILMPEKPISFTFWPF
;
A,B
2 'polypeptide(L)' SLLDVVVENNLDIDGFGACEGTLACSTCHLIFEDHIYEKLDAITDEENDMLDLAYGLTDRSRLGCQIC C,D
#
loop_
_chem_comp.id
_chem_comp.type
_chem_comp.name
_chem_comp.formula
2DC non-polymer (3alpha,8alpha,22R)-cholest-5-ene-3,20,22-triol 'C27 H46 O3'
FES non-polymer 'FE2/S2 (INORGANIC) CLUSTER' 'Fe2 S2'
HEM non-polymer 'PROTOPORPHYRIN IX CONTAINING FE' 'C34 H32 Fe N4 O4'
#
# COMPACT_ATOMS: atom_id res chain seq x y z
N PRO A 2 -11.38 -28.76 -53.35
CA PRO A 2 -10.37 -27.98 -52.60
C PRO A 2 -10.38 -26.48 -52.99
N ARG A 3 -11.03 -25.63 -52.18
CA ARG A 3 -11.24 -24.22 -52.58
C ARG A 3 -9.92 -23.41 -52.62
N PRO A 4 -9.82 -22.45 -53.56
CA PRO A 4 -8.64 -21.59 -53.64
C PRO A 4 -8.52 -20.67 -52.43
N PHE A 5 -7.31 -20.14 -52.23
CA PHE A 5 -7.00 -19.20 -51.14
C PHE A 5 -7.96 -18.01 -51.03
N ASN A 6 -8.29 -17.39 -52.17
CA ASN A 6 -9.11 -16.18 -52.19
C ASN A 6 -10.50 -16.38 -51.59
N GLU A 7 -10.97 -17.62 -51.56
CA GLU A 7 -12.31 -17.92 -51.02
C GLU A 7 -12.41 -17.95 -49.50
N ILE A 8 -11.26 -17.89 -48.81
CA ILE A 8 -11.25 -17.83 -47.36
C ILE A 8 -11.88 -16.52 -46.88
N PRO A 9 -12.89 -16.60 -45.97
CA PRO A 9 -13.55 -15.41 -45.44
C PRO A 9 -12.56 -14.32 -44.97
N SER A 10 -12.89 -13.07 -45.25
CA SER A 10 -11.97 -11.97 -45.10
C SER A 10 -12.71 -10.62 -45.06
N PRO A 11 -12.28 -9.68 -44.20
CA PRO A 11 -12.83 -8.32 -44.21
C PRO A 11 -12.66 -7.61 -45.55
N GLY A 12 -11.69 -8.05 -46.36
CA GLY A 12 -11.36 -7.42 -47.64
C GLY A 12 -9.86 -7.45 -47.96
N ASP A 13 -9.49 -7.05 -49.17
CA ASP A 13 -8.10 -7.13 -49.63
C ASP A 13 -7.23 -5.90 -49.36
N ASN A 14 -7.84 -4.82 -48.87
CA ASN A 14 -7.10 -3.61 -48.56
C ASN A 14 -6.60 -3.58 -47.10
N GLY A 15 -5.31 -3.85 -46.97
CA GLY A 15 -4.64 -3.93 -45.67
C GLY A 15 -4.67 -2.67 -44.86
N TRP A 16 -4.67 -1.51 -45.53
CA TRP A 16 -4.68 -0.21 -44.84
C TRP A 16 -6.09 0.13 -44.39
N LEU A 17 -7.07 -0.29 -45.18
CA LEU A 17 -8.47 -0.13 -44.78
C LEU A 17 -8.81 -1.08 -43.61
N ASN A 18 -8.33 -2.32 -43.69
CA ASN A 18 -8.50 -3.27 -42.59
C ASN A 18 -7.87 -2.75 -41.32
N LEU A 19 -6.69 -2.16 -41.46
CA LEU A 19 -5.97 -1.60 -40.34
C LEU A 19 -6.75 -0.45 -39.74
N TYR A 20 -7.34 0.37 -40.60
CA TYR A 20 -8.17 1.50 -40.20
C TYR A 20 -9.38 1.06 -39.38
N HIS A 21 -10.16 0.13 -39.92
CA HIS A 21 -11.30 -0.44 -39.18
C HIS A 21 -10.90 -1.12 -37.87
N PHE A 22 -9.78 -1.84 -37.87
CA PHE A 22 -9.23 -2.43 -36.65
C PHE A 22 -8.97 -1.34 -35.60
N TRP A 23 -8.31 -0.25 -35.98
CA TRP A 23 -7.96 0.80 -35.00
C TRP A 23 -9.16 1.57 -34.45
N ARG A 24 -10.16 1.80 -35.28
CA ARG A 24 -11.33 2.60 -34.88
C ARG A 24 -12.34 1.81 -34.04
N GLU A 25 -12.56 0.54 -34.38
CA GLU A 25 -13.56 -0.29 -33.69
C GLU A 25 -13.08 -0.95 -32.40
N THR A 26 -11.84 -1.43 -32.41
CA THR A 26 -11.31 -2.28 -31.35
C THR A 26 -10.11 -1.64 -30.68
N GLY A 27 -9.16 -1.17 -31.49
CA GLY A 27 -7.96 -0.52 -30.97
C GLY A 27 -6.77 -1.46 -30.88
N THR A 28 -5.59 -0.86 -30.99
CA THR A 28 -4.32 -1.63 -30.99
C THR A 28 -4.13 -2.47 -29.72
N HIS A 29 -4.59 -1.96 -28.58
CA HIS A 29 -4.38 -2.65 -27.32
C HIS A 29 -5.43 -3.71 -26.99
N LYS A 30 -6.27 -4.02 -27.97
CA LYS A 30 -7.31 -5.02 -27.83
C LYS A 30 -7.32 -5.98 -29.00
N VAL A 31 -6.14 -6.20 -29.58
CA VAL A 31 -5.97 -7.17 -30.67
C VAL A 31 -6.59 -8.56 -30.35
N HIS A 32 -6.46 -9.02 -29.11
CA HIS A 32 -7.06 -10.29 -28.69
C HIS A 32 -8.59 -10.32 -28.87
N LEU A 33 -9.26 -9.18 -28.63
CA LEU A 33 -10.70 -9.08 -28.88
C LEU A 33 -11.02 -9.09 -30.37
N HIS A 34 -10.17 -8.44 -31.15
CA HIS A 34 -10.30 -8.39 -32.61
C HIS A 34 -10.38 -9.82 -33.15
N HIS A 35 -9.51 -10.71 -32.65
CA HIS A 35 -9.51 -12.13 -33.03
C HIS A 35 -10.81 -12.85 -32.64
N VAL A 36 -11.25 -12.69 -31.41
CA VAL A 36 -12.51 -13.27 -30.94
C VAL A 36 -13.67 -12.85 -31.84
N GLN A 37 -13.80 -11.53 -32.03
CA GLN A 37 -14.86 -10.97 -32.86
C GLN A 37 -14.76 -11.49 -34.30
N ASN A 38 -13.54 -11.56 -34.83
CA ASN A 38 -13.35 -12.05 -36.20
C ASN A 38 -13.87 -13.47 -36.37
N PHE A 39 -13.55 -14.36 -35.42
CA PHE A 39 -14.02 -15.74 -35.50
C PHE A 39 -15.55 -15.87 -35.38
N GLN A 40 -16.15 -15.03 -34.54
CA GLN A 40 -17.60 -14.96 -34.42
C GLN A 40 -18.24 -14.47 -35.70
N LYS A 41 -17.48 -13.69 -36.50
CA LYS A 41 -17.94 -13.08 -37.73
C LYS A 41 -17.74 -13.97 -38.96
N TYR A 42 -16.58 -14.63 -39.06
CA TYR A 42 -16.19 -15.38 -40.26
C TYR A 42 -16.21 -16.92 -40.14
N GLY A 43 -16.46 -17.40 -38.94
CA GLY A 43 -16.33 -18.83 -38.67
C GLY A 43 -14.92 -19.16 -38.27
N PRO A 44 -14.58 -20.47 -38.29
CA PRO A 44 -13.37 -21.06 -37.70
C PRO A 44 -12.06 -20.78 -38.42
N ILE A 45 -12.13 -20.22 -39.63
CA ILE A 45 -10.91 -19.84 -40.36
C ILE A 45 -11.16 -18.55 -41.14
N TYR A 46 -10.17 -17.67 -41.16
CA TYR A 46 -10.25 -16.44 -41.95
C TYR A 46 -8.85 -15.93 -42.31
N ARG A 47 -8.79 -15.00 -43.26
CA ARG A 47 -7.56 -14.32 -43.63
C ARG A 47 -7.75 -12.82 -43.45
N GLU A 48 -6.68 -12.15 -43.04
CA GLU A 48 -6.71 -10.70 -42.92
C GLU A 48 -5.35 -10.11 -43.28
N LYS A 49 -5.39 -9.13 -44.17
CA LYS A 49 -4.22 -8.30 -44.42
C LYS A 49 -4.34 -7.10 -43.50
N LEU A 50 -3.34 -6.93 -42.63
CA LEU A 50 -3.21 -5.75 -41.78
C LEU A 50 -1.96 -5.01 -42.22
N GLY A 51 -2.14 -3.78 -42.70
CA GLY A 51 -1.05 -3.02 -43.34
C GLY A 51 -0.53 -3.83 -44.51
N ASN A 52 0.72 -4.27 -44.44
CA ASN A 52 1.33 -5.09 -45.51
C ASN A 52 1.34 -6.59 -45.25
N VAL A 53 1.07 -7.00 -44.01
CA VAL A 53 1.12 -8.42 -43.65
C VAL A 53 -0.24 -9.12 -43.67
N GLU A 54 -0.31 -10.18 -44.47
CA GLU A 54 -1.48 -11.06 -44.51
C GLU A 54 -1.25 -12.38 -43.78
N SER A 55 -2.19 -12.73 -42.91
CA SER A 55 -2.19 -14.03 -42.25
C SER A 55 -3.50 -14.76 -42.48
N VAL A 56 -3.43 -16.08 -42.42
CA VAL A 56 -4.61 -16.93 -42.24
C VAL A 56 -4.68 -17.17 -40.75
N TYR A 57 -5.85 -17.02 -40.17
CA TYR A 57 -6.04 -17.27 -38.74
C TYR A 57 -6.88 -18.50 -38.49
N VAL A 58 -6.42 -19.35 -37.56
CA VAL A 58 -7.16 -20.55 -37.16
C VAL A 58 -7.35 -20.60 -35.64
N ILE A 59 -8.37 -21.36 -35.22
CA ILE A 59 -8.77 -21.47 -33.80
C ILE A 59 -8.95 -22.95 -33.35
N ASP A 60 -9.31 -23.82 -34.30
CA ASP A 60 -9.61 -25.23 -34.03
C ASP A 60 -8.38 -26.10 -33.81
N PRO A 61 -8.29 -26.79 -32.64
CA PRO A 61 -7.11 -27.60 -32.36
C PRO A 61 -6.83 -28.65 -33.43
N GLU A 62 -7.85 -29.04 -34.19
CA GLU A 62 -7.68 -29.98 -35.30
C GLU A 62 -6.91 -29.39 -36.50
N ASP A 63 -7.18 -28.12 -36.82
CA ASP A 63 -6.40 -27.35 -37.81
C ASP A 63 -4.99 -27.10 -37.29
N VAL A 64 -4.88 -26.79 -36.00
CA VAL A 64 -3.59 -26.58 -35.35
C VAL A 64 -2.71 -27.82 -35.53
N ALA A 65 -3.28 -29.00 -35.33
CA ALA A 65 -2.54 -30.25 -35.42
C ALA A 65 -1.98 -30.49 -36.81
N LEU A 66 -2.79 -30.16 -37.82
CA LEU A 66 -2.38 -30.25 -39.21
C LEU A 66 -1.27 -29.27 -39.52
N LEU A 67 -1.38 -28.07 -38.95
CA LEU A 67 -0.37 -27.04 -39.16
C LEU A 67 0.99 -27.52 -38.65
N PHE A 68 1.04 -27.90 -37.39
CA PHE A 68 2.28 -28.31 -36.77
C PHE A 68 2.77 -29.66 -37.29
N LYS A 69 1.88 -30.42 -37.91
CA LYS A 69 2.24 -31.71 -38.52
C LYS A 69 3.18 -31.53 -39.70
N SER A 70 2.89 -30.54 -40.55
CA SER A 70 3.69 -30.31 -41.75
C SER A 70 4.87 -29.38 -41.52
N GLU A 71 5.13 -29.05 -40.26
CA GLU A 71 6.26 -28.20 -39.93
C GLU A 71 7.59 -28.77 -40.41
N GLY A 72 8.45 -27.89 -40.93
CA GLY A 72 9.78 -28.27 -41.43
C GLY A 72 10.83 -28.37 -40.33
N PRO A 73 12.07 -28.71 -40.71
CA PRO A 73 13.15 -28.84 -39.72
C PRO A 73 13.53 -27.52 -39.03
N ASN A 74 13.40 -26.40 -39.73
CA ASN A 74 13.70 -25.06 -39.16
C ASN A 74 12.54 -24.06 -39.30
N PRO A 75 11.52 -24.18 -38.43
CA PRO A 75 10.31 -23.33 -38.52
C PRO A 75 10.56 -21.83 -38.30
N GLU A 76 9.73 -21.01 -38.94
CA GLU A 76 9.77 -19.56 -38.76
C GLU A 76 8.42 -19.05 -38.27
N ARG A 77 8.45 -18.14 -37.30
CA ARG A 77 7.25 -17.49 -36.80
C ARG A 77 7.26 -16.04 -37.29
N PHE A 78 6.25 -15.25 -36.93
CA PHE A 78 6.25 -13.84 -37.31
C PHE A 78 7.35 -13.12 -36.55
N LEU A 79 8.14 -12.34 -37.28
CA LEU A 79 9.18 -11.48 -36.71
C LEU A 79 8.62 -10.10 -36.50
N ILE A 80 8.89 -9.53 -35.33
CA ILE A 80 8.35 -8.23 -34.98
C ILE A 80 9.20 -7.12 -35.63
N PRO A 81 8.60 -6.39 -36.57
CA PRO A 81 9.34 -5.43 -37.40
C PRO A 81 10.14 -4.38 -36.61
N PRO A 82 9.53 -3.71 -35.61
CA PRO A 82 10.39 -2.79 -34.84
C PRO A 82 11.61 -3.48 -34.24
N TRP A 83 11.48 -4.69 -33.72
CA TRP A 83 12.62 -5.43 -33.14
C TRP A 83 13.69 -5.68 -34.19
N VAL A 84 13.26 -6.20 -35.34
CA VAL A 84 14.19 -6.51 -36.45
C VAL A 84 14.95 -5.27 -36.92
N ALA A 85 14.22 -4.17 -37.14
CA ALA A 85 14.83 -2.91 -37.60
C ALA A 85 15.86 -2.37 -36.63
N TYR A 86 15.55 -2.41 -35.33
CA TYR A 86 16.49 -1.95 -34.31
C TYR A 86 17.82 -2.71 -34.43
N HIS A 87 17.73 -4.02 -34.63
CA HIS A 87 18.91 -4.86 -34.61
C HIS A 87 19.72 -4.60 -35.86
N GLN A 88 19.04 -4.45 -36.99
CA GLN A 88 19.71 -4.21 -38.27
C GLN A 88 20.37 -2.85 -38.31
N TYR A 89 19.58 -1.80 -38.03
CA TYR A 89 20.06 -0.43 -38.17
C TYR A 89 21.16 -0.07 -37.19
N TYR A 90 21.08 -0.60 -35.95
CA TYR A 90 22.09 -0.28 -34.96
C TYR A 90 23.10 -1.41 -34.85
N GLN A 91 22.97 -2.38 -35.75
CA GLN A 91 23.88 -3.52 -35.83
C GLN A 91 24.18 -4.17 -34.47
N ARG A 92 23.12 -4.68 -33.84
CA ARG A 92 23.23 -5.42 -32.59
C ARG A 92 23.26 -6.89 -32.91
N PRO A 93 24.03 -7.68 -32.14
CA PRO A 93 24.09 -9.11 -32.43
C PRO A 93 22.76 -9.80 -32.09
N ILE A 94 22.30 -10.65 -33.00
CA ILE A 94 21.01 -11.27 -32.85
C ILE A 94 21.15 -12.66 -32.24
N GLY A 95 20.19 -13.00 -31.40
CA GLY A 95 20.15 -14.32 -30.83
C GLY A 95 19.17 -15.20 -31.54
N VAL A 96 18.91 -16.33 -30.92
CA VAL A 96 18.08 -17.39 -31.45
C VAL A 96 16.71 -16.86 -31.91
N LEU A 97 16.20 -15.84 -31.23
CA LEU A 97 14.87 -15.28 -31.58
C LEU A 97 14.78 -14.69 -32.99
N LEU A 98 15.86 -14.08 -33.47
CA LEU A 98 15.85 -13.40 -34.78
C LEU A 98 16.61 -14.11 -35.89
N LYS A 99 17.02 -15.36 -35.64
CA LYS A 99 17.71 -16.15 -36.64
C LYS A 99 16.76 -17.10 -37.34
N LYS A 100 17.13 -17.56 -38.54
CA LYS A 100 16.36 -18.58 -39.26
C LYS A 100 17.28 -19.71 -39.73
N SER A 101 16.68 -20.74 -40.31
CA SER A 101 17.36 -21.93 -40.83
C SER A 101 18.57 -22.39 -40.03
N ALA A 102 19.64 -22.75 -40.73
CA ALA A 102 20.81 -23.41 -40.13
C ALA A 102 21.45 -22.66 -38.95
N ALA A 103 21.53 -21.33 -39.05
CA ALA A 103 22.07 -20.50 -37.97
C ALA A 103 21.18 -20.53 -36.70
N TRP A 104 19.87 -20.70 -36.89
CA TRP A 104 18.98 -20.80 -35.75
C TRP A 104 19.19 -22.14 -35.05
N LYS A 105 19.25 -23.21 -35.84
CA LYS A 105 19.39 -24.57 -35.34
C LYS A 105 20.63 -24.69 -34.48
N LYS A 106 21.72 -24.11 -34.96
CA LYS A 106 23.01 -24.18 -34.30
C LYS A 106 22.98 -23.55 -32.89
N ASP A 107 22.39 -22.36 -32.77
CA ASP A 107 22.17 -21.75 -31.47
C ASP A 107 21.20 -22.57 -30.61
N ARG A 108 20.07 -22.97 -31.20
CA ARG A 108 19.02 -23.66 -30.47
C ARG A 108 19.57 -24.96 -29.84
N VAL A 109 20.23 -25.77 -30.64
CA VAL A 109 20.84 -27.03 -30.18
C VAL A 109 21.83 -26.77 -29.03
N ALA A 110 22.73 -25.81 -29.21
CA ALA A 110 23.65 -25.40 -28.13
C ALA A 110 22.91 -25.05 -26.84
N LEU A 111 21.90 -24.18 -26.98
CA LEU A 111 21.19 -23.63 -25.85
C LEU A 111 20.30 -24.67 -25.17
N ASN A 112 19.71 -25.55 -25.98
CA ASN A 112 18.90 -26.65 -25.48
C ASN A 112 19.62 -27.57 -24.49
N GLN A 113 20.90 -27.82 -24.72
CA GLN A 113 21.69 -28.66 -23.82
C GLN A 113 21.80 -28.02 -22.43
N GLU A 114 21.72 -26.69 -22.36
CA GLU A 114 21.93 -25.99 -21.10
C GLU A 114 20.67 -25.44 -20.44
N VAL A 115 19.57 -25.42 -21.17
CA VAL A 115 18.40 -24.66 -20.75
C VAL A 115 17.10 -25.48 -20.79
N MET A 116 17.05 -26.49 -21.65
CA MET A 116 15.86 -27.33 -21.80
C MET A 116 16.09 -28.76 -21.29
N ALA A 117 17.34 -29.21 -21.27
CA ALA A 117 17.69 -30.61 -20.96
C ALA A 117 17.53 -30.96 -19.47
N PRO A 118 16.83 -32.08 -19.18
CA PRO A 118 16.66 -32.51 -17.77
C PRO A 118 17.98 -32.55 -16.98
N GLU A 119 19.06 -33.02 -17.58
CA GLU A 119 20.37 -33.06 -16.91
C GLU A 119 20.83 -31.69 -16.44
N ALA A 120 20.63 -30.68 -17.28
CA ALA A 120 20.95 -29.29 -16.92
C ALA A 120 19.91 -28.64 -15.97
N THR A 121 18.64 -28.75 -16.32
CA THR A 121 17.56 -28.08 -15.60
C THR A 121 17.39 -28.50 -14.13
N LYS A 122 17.86 -29.71 -13.77
CA LYS A 122 17.78 -30.18 -12.39
C LYS A 122 18.60 -29.28 -11.47
N ASN A 123 19.65 -28.67 -12.03
CA ASN A 123 20.50 -27.72 -11.31
C ASN A 123 19.81 -26.41 -10.96
N PHE A 124 18.75 -26.07 -11.69
CA PHE A 124 18.03 -24.82 -11.48
C PHE A 124 17.30 -24.83 -10.15
N LEU A 125 16.89 -26.02 -9.69
CA LEU A 125 16.00 -26.13 -8.53
C LEU A 125 16.39 -25.28 -7.30
N PRO A 126 17.61 -25.48 -6.76
CA PRO A 126 17.98 -24.68 -5.57
C PRO A 126 18.18 -23.19 -5.87
N LEU A 127 18.57 -22.86 -7.09
CA LEU A 127 18.75 -21.46 -7.49
C LEU A 127 17.42 -20.72 -7.52
N LEU A 128 16.38 -21.39 -8.01
CA LEU A 128 15.07 -20.75 -8.12
C LEU A 128 14.40 -20.74 -6.75
N ASP A 129 14.51 -21.85 -6.02
CA ASP A 129 13.99 -21.95 -4.67
C ASP A 129 14.54 -20.86 -3.72
N ALA A 130 15.82 -20.57 -3.81
CA ALA A 130 16.42 -19.50 -3.02
C ALA A 130 15.72 -18.14 -3.25
N VAL A 131 15.40 -17.84 -4.51
CA VAL A 131 14.71 -16.58 -4.85
C VAL A 131 13.27 -16.59 -4.31
N SER A 132 12.53 -17.67 -4.60
CA SER A 132 11.16 -17.86 -4.10
C SER A 132 11.07 -17.76 -2.56
N ARG A 133 12.01 -18.39 -1.87
CA ARG A 133 12.05 -18.35 -0.41
C ARG A 133 12.24 -16.93 0.13
N ASP A 134 13.07 -16.14 -0.55
CA ASP A 134 13.25 -14.72 -0.25
C ASP A 134 12.02 -13.88 -0.57
N PHE A 135 11.28 -14.23 -1.62
CA PHE A 135 10.07 -13.50 -1.96
C PHE A 135 9.07 -13.64 -0.82
N VAL A 136 8.91 -14.88 -0.35
CA VAL A 136 8.10 -15.17 0.84
C VAL A 136 8.56 -14.32 2.06
N SER A 137 9.87 -14.22 2.29
CA SER A 137 10.39 -13.36 3.35
C SER A 137 9.98 -11.91 3.23
N VAL A 138 10.08 -11.35 2.02
CA VAL A 138 9.64 -9.98 1.74
C VAL A 138 8.22 -9.76 2.24
N LEU A 139 7.32 -10.66 1.86
CA LEU A 139 5.91 -10.56 2.23
C LEU A 139 5.69 -10.68 3.73
N HIS A 140 6.37 -11.64 4.36
CA HIS A 140 6.35 -11.77 5.83
C HIS A 140 6.80 -10.46 6.50
N ARG A 141 7.80 -9.79 5.94
CA ARG A 141 8.29 -8.51 6.49
C ARG A 141 7.20 -7.45 6.37
N ARG A 142 6.57 -7.41 5.20
CA ARG A 142 5.50 -6.46 4.94
C ARG A 142 4.28 -6.66 5.84
N ILE A 143 4.01 -7.91 6.21
CA ILE A 143 2.90 -8.26 7.10
C ILE A 143 3.24 -7.74 8.51
N LYS A 144 4.44 -8.06 8.99
CA LYS A 144 4.93 -7.56 10.28
C LYS A 144 4.86 -6.02 10.38
N LYS A 145 5.37 -5.35 9.34
CA LYS A 145 5.40 -3.90 9.26
C LYS A 145 4.00 -3.28 9.24
N ALA A 146 3.06 -3.97 8.61
CA ALA A 146 1.67 -3.48 8.48
C ALA A 146 0.96 -3.45 9.82
N GLY A 147 1.31 -4.38 10.70
CA GLY A 147 0.80 -4.41 12.07
C GLY A 147 -0.61 -4.96 12.23
N SER A 148 -1.12 -5.60 11.18
CA SER A 148 -2.50 -6.06 11.15
C SER A 148 -2.66 -7.57 10.89
N GLY A 149 -1.56 -8.30 10.81
CA GLY A 149 -1.57 -9.76 10.59
C GLY A 149 -1.95 -10.13 9.17
N ASN A 150 -1.44 -9.33 8.23
CA ASN A 150 -2.12 -9.05 7.00
C ASN A 150 -1.24 -8.18 6.11
N TYR A 151 -1.25 -8.40 4.81
CA TYR A 151 -0.67 -7.43 3.88
C TYR A 151 -1.51 -7.25 2.61
N SER A 152 -1.84 -6.01 2.28
CA SER A 152 -2.51 -5.71 1.01
C SER A 152 -1.65 -4.81 0.17
N GLY A 153 -1.71 -5.03 -1.13
CA GLY A 153 -0.88 -4.30 -2.04
C GLY A 153 -0.87 -4.85 -3.46
N ASP A 154 -0.49 -3.97 -4.37
CA ASP A 154 -0.23 -4.31 -5.74
C ASP A 154 1.23 -4.75 -5.73
N ILE A 155 1.48 -6.01 -6.10
CA ILE A 155 2.84 -6.57 -6.09
C ILE A 155 3.45 -6.79 -7.48
N SER A 156 2.90 -6.11 -8.48
CA SER A 156 3.43 -6.20 -9.85
C SER A 156 4.95 -5.90 -9.94
N ASP A 157 5.36 -4.73 -9.41
CA ASP A 157 6.78 -4.33 -9.40
C ASP A 157 7.63 -5.38 -8.70
N ASP A 158 7.12 -5.93 -7.58
CA ASP A 158 7.80 -7.02 -6.88
C ASP A 158 7.87 -8.29 -7.70
N LEU A 159 6.83 -8.58 -8.47
CA LEU A 159 6.87 -9.74 -9.33
C LEU A 159 7.88 -9.56 -10.45
N PHE A 160 7.98 -8.35 -11.00
CA PHE A 160 9.05 -8.04 -12.00
C PHE A 160 10.46 -8.22 -11.40
N ARG A 161 10.66 -7.74 -10.18
CA ARG A 161 11.95 -7.90 -9.50
C ARG A 161 12.23 -9.38 -9.20
N PHE A 162 11.18 -10.11 -8.80
CA PHE A 162 11.29 -11.54 -8.57
C PHE A 162 11.74 -12.26 -9.86
N ALA A 163 11.03 -11.99 -10.95
CA ALA A 163 11.33 -12.65 -12.21
C ALA A 163 12.77 -12.34 -12.64
N PHE A 164 13.23 -11.11 -12.35
CA PHE A 164 14.59 -10.71 -12.67
C PHE A 164 15.67 -11.41 -11.82
N GLU A 165 15.48 -11.49 -10.50
CA GLU A 165 16.37 -12.31 -9.64
C GLU A 165 16.44 -13.74 -10.15
N SER A 166 15.29 -14.28 -10.53
CA SER A 166 15.20 -15.69 -10.94
C SER A 166 15.99 -15.98 -12.22
N ILE A 167 15.72 -15.24 -13.30
CA ILE A 167 16.45 -15.42 -14.55
C ILE A 167 17.95 -15.10 -14.41
N THR A 168 18.30 -14.09 -13.61
CA THR A 168 19.70 -13.74 -13.41
C THR A 168 20.42 -14.82 -12.61
N ASN A 169 19.73 -15.40 -11.62
CA ASN A 169 20.33 -16.43 -10.78
C ASN A 169 20.68 -17.71 -11.54
N VAL A 170 19.80 -18.19 -12.43
CA VAL A 170 20.11 -19.42 -13.17
C VAL A 170 21.13 -19.18 -14.31
N ILE A 171 21.16 -17.95 -14.83
CA ILE A 171 22.14 -17.55 -15.85
C ILE A 171 23.51 -17.28 -15.23
N PHE A 172 23.54 -16.48 -14.17
CA PHE A 172 24.82 -16.03 -13.63
C PHE A 172 25.28 -16.78 -12.38
N GLY A 173 24.39 -17.54 -11.76
CA GLY A 173 24.65 -18.13 -10.46
C GLY A 173 24.95 -17.11 -9.38
N GLU A 174 24.48 -15.88 -9.53
CA GLU A 174 24.71 -14.83 -8.54
C GLU A 174 23.45 -14.04 -8.25
N ARG A 175 23.25 -13.75 -6.97
CA ARG A 175 22.12 -12.94 -6.54
C ARG A 175 22.37 -11.48 -6.90
N GLN A 176 21.33 -10.81 -7.40
CA GLN A 176 21.41 -9.38 -7.74
C GLN A 176 20.85 -8.49 -6.63
N GLY A 177 20.28 -9.14 -5.60
CA GLY A 177 19.72 -8.42 -4.46
C GLY A 177 18.52 -7.55 -4.77
N MET A 178 17.68 -7.97 -5.73
CA MET A 178 16.50 -7.20 -6.11
C MET A 178 15.30 -7.43 -5.18
N LEU A 179 15.43 -8.38 -4.26
CA LEU A 179 14.41 -8.60 -3.22
C LEU A 179 14.77 -7.99 -1.86
N GLU A 180 15.89 -7.28 -1.79
CA GLU A 180 16.29 -6.57 -0.57
C GLU A 180 15.51 -5.26 -0.43
N GLU A 181 15.54 -4.67 0.77
CA GLU A 181 14.86 -3.39 1.03
C GLU A 181 15.45 -2.27 0.20
N VAL A 182 16.78 -2.26 0.07
CA VAL A 182 17.48 -1.27 -0.75
C VAL A 182 17.98 -1.95 -2.02
N VAL A 183 17.62 -1.39 -3.17
CA VAL A 183 17.70 -2.10 -4.43
C VAL A 183 18.69 -1.42 -5.37
N ASN A 184 19.41 -2.20 -6.16
CA ASN A 184 20.25 -1.66 -7.23
C ASN A 184 19.42 -0.84 -8.24
N PRO A 185 19.62 0.50 -8.27
CA PRO A 185 18.82 1.32 -9.19
C PRO A 185 19.14 1.06 -10.67
N GLU A 186 20.37 0.63 -10.98
CA GLU A 186 20.71 0.28 -12.37
C GLU A 186 20.01 -0.99 -12.84
N ALA A 187 19.90 -1.98 -11.96
CA ALA A 187 19.17 -3.19 -12.29
C ALA A 187 17.67 -2.88 -12.47
N GLN A 188 17.13 -2.00 -11.62
CA GLN A 188 15.76 -1.53 -11.83
C GLN A 188 15.55 -0.87 -13.20
N ARG A 189 16.55 -0.10 -13.63
CA ARG A 189 16.48 0.64 -14.88
C ARG A 189 16.37 -0.35 -16.05
N PHE A 190 17.10 -1.46 -15.92
CA PHE A 190 16.98 -2.60 -16.83
C PHE A 190 15.58 -3.24 -16.84
N ILE A 191 15.04 -3.55 -15.66
CA ILE A 191 13.72 -4.15 -15.55
C ILE A 191 12.67 -3.27 -16.25
N ASP A 192 12.72 -1.97 -16.01
CA ASP A 192 11.79 -1.00 -16.60
C ASP A 192 11.94 -0.87 -18.11
N ALA A 193 13.19 -0.96 -18.59
CA ALA A 193 13.43 -0.86 -20.01
C ALA A 193 12.72 -2.00 -20.71
N ILE A 194 12.69 -3.16 -20.06
CA ILE A 194 12.06 -4.33 -20.64
C ILE A 194 10.57 -4.09 -20.92
N TYR A 195 9.86 -3.56 -19.93
CA TYR A 195 8.45 -3.24 -20.12
C TYR A 195 8.27 -2.15 -21.19
N GLN A 196 9.19 -1.19 -21.23
CA GLN A 196 9.16 -0.10 -22.21
C GLN A 196 9.34 -0.62 -23.62
N MET A 197 10.31 -1.52 -23.79
CA MET A 197 10.52 -2.21 -25.05
C MET A 197 9.20 -2.82 -25.59
N PHE A 198 8.43 -3.50 -24.73
CA PHE A 198 7.21 -4.16 -25.18
C PHE A 198 6.11 -3.14 -25.45
N HIS A 199 5.86 -2.28 -24.47
CA HIS A 199 4.86 -1.23 -24.59
C HIS A 199 5.08 -0.41 -25.88
N THR A 200 6.31 0.07 -26.09
CA THR A 200 6.57 0.91 -27.28
C THR A 200 6.55 0.11 -28.58
N SER A 201 6.49 -1.21 -28.51
CA SER A 201 6.40 -2.01 -29.72
C SER A 201 5.07 -1.81 -30.44
N VAL A 202 4.01 -1.57 -29.67
CA VAL A 202 2.63 -1.69 -30.16
C VAL A 202 2.24 -0.67 -31.26
N PRO A 203 2.53 0.63 -31.07
CA PRO A 203 2.17 1.54 -32.15
C PRO A 203 2.87 1.27 -33.50
N MET A 204 3.89 0.43 -33.51
CA MET A 204 4.61 0.18 -34.76
C MET A 204 4.30 -1.18 -35.39
N LEU A 205 3.36 -1.92 -34.82
CA LEU A 205 3.22 -3.37 -35.09
C LEU A 205 2.84 -3.83 -36.52
N ASN A 206 1.99 -3.07 -37.20
CA ASN A 206 1.49 -3.49 -38.50
C ASN A 206 2.04 -2.65 -39.66
N LEU A 207 3.13 -1.92 -39.38
CA LEU A 207 3.72 -1.00 -40.33
C LEU A 207 5.08 -1.49 -40.78
N PRO A 208 5.44 -1.22 -42.04
CA PRO A 208 6.82 -1.50 -42.47
C PRO A 208 7.77 -0.46 -41.86
N PRO A 209 9.06 -0.79 -41.70
CA PRO A 209 9.95 0.15 -41.02
C PRO A 209 9.93 1.54 -41.65
N ASP A 210 9.74 1.62 -42.97
CA ASP A 210 9.66 2.90 -43.68
C ASP A 210 8.63 3.87 -43.12
N LEU A 211 7.56 3.33 -42.56
CA LEU A 211 6.52 4.18 -41.97
C LEU A 211 6.71 4.51 -40.47
N PHE A 212 7.57 3.75 -39.76
CA PHE A 212 7.87 4.00 -38.34
C PHE A 212 8.33 5.42 -38.13
N ARG A 213 9.51 5.70 -38.69
CA ARG A 213 10.19 6.97 -38.46
C ARG A 213 9.34 8.12 -38.94
N LEU A 214 8.42 7.82 -39.84
CA LEU A 214 7.60 8.83 -40.46
C LEU A 214 6.36 9.16 -39.63
N PHE A 215 5.70 8.15 -39.07
CA PHE A 215 4.47 8.39 -38.32
C PHE A 215 4.51 8.01 -36.84
N ARG A 216 5.61 7.41 -36.40
CA ARG A 216 5.75 6.95 -35.03
C ARG A 216 7.13 7.31 -34.54
N THR A 217 7.64 8.44 -35.01
CA THR A 217 8.99 8.92 -34.71
C THR A 217 9.29 8.90 -33.21
N LYS A 218 8.37 9.47 -32.43
CA LYS A 218 8.52 9.55 -30.98
C LYS A 218 8.54 8.15 -30.34
N THR A 219 7.65 7.27 -30.81
CA THR A 219 7.58 5.90 -30.30
C THR A 219 8.85 5.10 -30.63
N TRP A 220 9.31 5.27 -31.86
CA TRP A 220 10.52 4.65 -32.32
C TRP A 220 11.73 5.12 -31.51
N LYS A 221 11.79 6.43 -31.26
CA LYS A 221 12.86 7.00 -30.46
C LYS A 221 12.90 6.30 -29.11
N ASP A 222 11.75 6.25 -28.45
CA ASP A 222 11.61 5.65 -27.11
C ASP A 222 11.88 4.15 -27.11
N HIS A 223 11.46 3.49 -28.18
CA HIS A 223 11.71 2.07 -28.35
C HIS A 223 13.21 1.76 -28.46
N VAL A 224 13.92 2.55 -29.26
CA VAL A 224 15.38 2.46 -29.42
C VAL A 224 16.11 2.70 -28.09
N ALA A 225 15.67 3.68 -27.31
CA ALA A 225 16.29 3.94 -26.01
C ALA A 225 16.15 2.73 -25.08
N ALA A 226 14.98 2.08 -25.12
CA ALA A 226 14.69 0.92 -24.28
C ALA A 226 15.60 -0.28 -24.61
N TRP A 227 15.66 -0.68 -25.87
CA TRP A 227 16.63 -1.68 -26.30
C TRP A 227 18.11 -1.32 -25.94
N ASP A 228 18.48 -0.02 -26.02
CA ASP A 228 19.84 0.42 -25.64
C ASP A 228 20.18 0.09 -24.19
N VAL A 229 19.23 0.33 -23.29
CA VAL A 229 19.40 -0.10 -21.91
C VAL A 229 19.57 -1.63 -21.84
N ILE A 230 18.66 -2.35 -22.50
CA ILE A 230 18.71 -3.82 -22.47
C ILE A 230 20.10 -4.32 -22.86
N PHE A 231 20.58 -3.84 -24.01
CA PHE A 231 21.87 -4.27 -24.57
C PHE A 231 23.06 -3.78 -23.78
N SER A 232 23.04 -2.53 -23.31
CA SER A 232 24.14 -2.03 -22.50
C SER A 232 24.41 -2.90 -21.29
N LYS A 233 23.37 -3.12 -20.51
CA LYS A 233 23.49 -3.83 -19.25
C LYS A 233 23.70 -5.34 -19.42
N ALA A 234 23.07 -5.95 -20.43
CA ALA A 234 23.37 -7.35 -20.70
C ALA A 234 24.86 -7.51 -21.02
N ASP A 235 25.38 -6.63 -21.88
CA ASP A 235 26.80 -6.63 -22.23
C ASP A 235 27.70 -6.48 -21.00
N ILE A 236 27.46 -5.44 -20.20
CA ILE A 236 28.18 -5.25 -18.93
C ILE A 236 28.17 -6.52 -18.05
N TYR A 237 26.99 -7.09 -17.81
CA TYR A 237 26.86 -8.34 -17.03
C TYR A 237 27.71 -9.48 -17.56
N THR A 238 27.53 -9.81 -18.85
CA THR A 238 28.25 -10.89 -19.50
C THR A 238 29.76 -10.63 -19.49
N GLN A 239 30.15 -9.39 -19.77
CA GLN A 239 31.55 -9.04 -19.86
C GLN A 239 32.25 -9.14 -18.50
N ASN A 240 31.66 -8.53 -17.47
CA ASN A 240 32.12 -8.69 -16.10
C ASN A 240 32.22 -10.17 -15.68
N PHE A 241 31.21 -10.95 -16.03
CA PHE A 241 31.24 -12.38 -15.71
C PHE A 241 32.44 -13.08 -16.35
N TYR A 242 32.72 -12.68 -17.58
CA TYR A 242 33.74 -13.33 -18.40
C TYR A 242 35.12 -13.11 -17.81
N TRP A 243 35.36 -11.88 -17.38
CA TRP A 243 36.63 -11.51 -16.80
C TRP A 243 36.83 -12.04 -15.40
N GLU A 244 35.78 -12.00 -14.57
CA GLU A 244 35.83 -12.53 -13.19
C GLU A 244 36.06 -14.04 -13.18
N LEU A 245 35.64 -14.71 -14.25
CA LEU A 245 35.91 -16.13 -14.44
C LEU A 245 37.40 -16.39 -14.59
N ARG A 246 38.08 -15.47 -15.27
CA ARG A 246 39.51 -15.58 -15.49
C ARG A 246 40.30 -15.14 -14.26
N GLN A 247 39.66 -14.32 -13.42
CA GLN A 247 40.26 -13.83 -12.18
C GLN A 247 40.20 -14.84 -11.04
N LYS A 248 39.21 -15.73 -11.04
CA LYS A 248 39.04 -16.77 -10.01
C LYS A 248 39.37 -18.17 -10.53
N GLY A 249 39.59 -18.24 -11.85
CA GLY A 249 39.80 -19.48 -12.62
C GLY A 249 39.97 -20.82 -11.93
N SER A 250 38.86 -21.40 -11.48
CA SER A 250 38.87 -22.74 -10.89
C SER A 250 37.85 -23.65 -11.58
N VAL A 251 38.24 -24.89 -11.87
CA VAL A 251 37.30 -25.88 -12.39
C VAL A 251 36.38 -26.34 -11.24
N HIS A 252 35.44 -25.48 -10.89
CA HIS A 252 34.42 -25.75 -9.87
C HIS A 252 33.65 -27.01 -10.18
N HIS A 253 33.38 -27.80 -9.14
CA HIS A 253 32.58 -29.02 -9.25
C HIS A 253 31.10 -28.74 -8.94
N ASP A 254 30.84 -27.70 -8.14
CA ASP A 254 29.47 -27.22 -7.89
C ASP A 254 28.92 -26.56 -9.15
N TYR A 255 27.59 -26.58 -9.30
CA TYR A 255 26.95 -25.92 -10.44
C TYR A 255 26.96 -24.40 -10.30
N ARG A 256 27.25 -23.71 -11.40
CA ARG A 256 27.52 -22.28 -11.37
C ARG A 256 26.60 -21.43 -12.24
N GLY A 257 25.76 -22.06 -13.05
CA GLY A 257 24.85 -21.33 -13.92
C GLY A 257 25.02 -21.60 -15.41
N ILE A 258 24.02 -21.18 -16.19
CA ILE A 258 24.00 -21.36 -17.64
C ILE A 258 25.25 -20.75 -18.34
N LEU A 259 25.59 -19.50 -17.97
CA LEU A 259 26.66 -18.78 -18.67
C LEU A 259 28.02 -19.47 -18.54
N TYR A 260 28.35 -19.82 -17.30
CA TYR A 260 29.55 -20.58 -16.98
C TYR A 260 29.65 -21.83 -17.85
N ARG A 261 28.54 -22.55 -18.00
CA ARG A 261 28.54 -23.78 -18.78
C ARG A 261 28.76 -23.52 -20.27
N LEU A 262 28.13 -22.49 -20.79
CA LEU A 262 28.27 -22.16 -22.20
C LEU A 262 29.69 -21.66 -22.52
N LEU A 263 30.19 -20.74 -21.71
CA LEU A 263 31.53 -20.17 -21.90
C LEU A 263 32.62 -21.23 -21.75
N GLY A 264 32.35 -22.26 -20.95
CA GLY A 264 33.34 -23.27 -20.63
C GLY A 264 33.30 -24.50 -21.50
N ASP A 265 32.14 -24.79 -22.08
CA ASP A 265 32.02 -26.01 -22.90
C ASP A 265 30.82 -26.00 -23.86
N SER A 266 30.86 -25.13 -24.87
CA SER A 266 29.84 -25.13 -25.90
C SER A 266 30.39 -24.68 -27.25
N LYS A 267 29.70 -25.07 -28.31
CA LYS A 267 30.12 -24.75 -29.66
C LYS A 267 29.88 -23.29 -30.06
N MET A 268 29.23 -22.52 -29.19
CA MET A 268 28.91 -21.13 -29.49
C MET A 268 30.12 -20.20 -29.31
N SER A 269 30.24 -19.25 -30.22
CA SER A 269 31.15 -18.13 -30.07
C SER A 269 30.68 -17.27 -28.92
N PHE A 270 31.59 -16.46 -28.38
CA PHE A 270 31.24 -15.53 -27.30
C PHE A 270 30.15 -14.55 -27.72
N GLU A 271 30.28 -14.01 -28.92
CA GLU A 271 29.28 -13.05 -29.43
C GLU A 271 27.88 -13.68 -29.58
N ASP A 272 27.83 -14.93 -30.06
CA ASP A 272 26.58 -15.67 -30.07
C ASP A 272 26.02 -15.87 -28.65
N ILE A 273 26.89 -16.28 -27.74
CA ILE A 273 26.52 -16.51 -26.36
C ILE A 273 25.93 -15.23 -25.77
N LYS A 274 26.67 -14.12 -25.84
CA LYS A 274 26.19 -12.84 -25.31
C LYS A 274 24.87 -12.38 -25.95
N ALA A 275 24.72 -12.57 -27.25
CA ALA A 275 23.44 -12.23 -27.89
C ALA A 275 22.27 -12.98 -27.21
N ASN A 276 22.46 -14.28 -26.99
CA ASN A 276 21.42 -15.09 -26.37
C ASN A 276 21.21 -14.86 -24.89
N VAL A 277 22.27 -14.48 -24.18
CA VAL A 277 22.14 -14.07 -22.79
C VAL A 277 21.25 -12.84 -22.71
N THR A 278 21.45 -11.89 -23.64
CA THR A 278 20.62 -10.69 -23.71
C THR A 278 19.13 -11.04 -23.87
N GLU A 279 18.83 -11.95 -24.78
CA GLU A 279 17.44 -12.33 -25.06
C GLU A 279 16.78 -13.10 -23.93
N MET A 280 17.51 -14.04 -23.33
CA MET A 280 16.98 -14.81 -22.22
C MET A 280 16.68 -13.92 -21.02
N LEU A 281 17.56 -12.95 -20.75
CA LEU A 281 17.33 -11.97 -19.68
C LEU A 281 16.07 -11.17 -19.95
N ALA A 282 15.97 -10.64 -21.16
CA ALA A 282 14.86 -9.75 -21.48
C ALA A 282 13.57 -10.53 -21.58
N GLY A 283 13.67 -11.78 -22.05
CA GLY A 283 12.51 -12.64 -22.18
C GLY A 283 11.92 -13.09 -20.85
N GLY A 284 12.72 -13.03 -19.79
CA GLY A 284 12.36 -13.68 -18.55
C GLY A 284 11.70 -12.83 -17.50
N VAL A 285 11.68 -11.51 -17.71
CA VAL A 285 11.24 -10.58 -16.69
C VAL A 285 9.71 -10.39 -16.71
N ASP A 286 9.16 -10.13 -17.89
CA ASP A 286 7.73 -9.77 -18.00
C ASP A 286 6.81 -10.98 -18.20
N THR A 287 7.38 -12.12 -18.50
CA THR A 287 6.62 -13.32 -18.84
C THR A 287 6.16 -14.04 -17.57
N THR A 288 7.10 -14.58 -16.80
CA THR A 288 6.74 -15.36 -15.62
C THR A 288 6.01 -14.52 -14.55
N SER A 289 6.42 -13.27 -14.41
CA SER A 289 5.84 -12.34 -13.46
C SER A 289 4.34 -12.08 -13.68
N MET A 290 3.97 -11.78 -14.93
CA MET A 290 2.56 -11.51 -15.25
C MET A 290 1.72 -12.76 -15.13
N THR A 291 2.30 -13.89 -15.50
CA THR A 291 1.61 -15.17 -15.43
C THR A 291 1.35 -15.53 -13.96
N LEU A 292 2.34 -15.34 -13.10
CA LEU A 292 2.15 -15.58 -11.68
C LEU A 292 1.09 -14.67 -11.11
N GLN A 293 1.13 -13.39 -11.51
CA GLN A 293 0.10 -12.47 -11.08
C GLN A 293 -1.27 -12.99 -11.46
N TRP A 294 -1.43 -13.51 -12.68
CA TRP A 294 -2.73 -14.05 -13.12
C TRP A 294 -3.13 -15.26 -12.28
N HIS A 295 -2.16 -16.13 -12.00
CA HIS A 295 -2.38 -17.30 -11.20
C HIS A 295 -2.89 -16.90 -9.82
N LEU A 296 -2.23 -15.93 -9.20
CA LEU A 296 -2.62 -15.51 -7.85
C LEU A 296 -4.02 -14.93 -7.88
N TYR A 297 -4.29 -14.14 -8.93
CA TYR A 297 -5.62 -13.62 -9.21
C TYR A 297 -6.65 -14.75 -9.35
N GLU A 298 -6.35 -15.78 -10.14
CA GLU A 298 -7.25 -16.93 -10.30
C GLU A 298 -7.47 -17.74 -9.01
N MET A 299 -6.46 -17.79 -8.14
CA MET A 299 -6.61 -18.46 -6.85
C MET A 299 -7.46 -17.64 -5.92
N ALA A 300 -7.41 -16.31 -6.09
CA ALA A 300 -8.21 -15.42 -5.25
C ALA A 300 -9.68 -15.43 -5.68
N ARG A 301 -9.90 -15.67 -6.98
CA ARG A 301 -11.24 -15.70 -7.59
C ARG A 301 -11.98 -17.01 -7.27
N ASN A 302 -11.21 -18.06 -7.01
CA ASN A 302 -11.71 -19.41 -6.81
C ASN A 302 -11.08 -19.98 -5.56
N LEU A 303 -11.66 -19.67 -4.41
CA LEU A 303 -11.06 -20.10 -3.14
C LEU A 303 -11.03 -21.63 -2.90
N LYS A 304 -11.99 -22.38 -3.48
CA LYS A 304 -12.04 -23.84 -3.36
C LYS A 304 -10.85 -24.46 -4.04
N VAL A 305 -10.60 -23.96 -5.25
CA VAL A 305 -9.45 -24.35 -6.05
C VAL A 305 -8.16 -24.00 -5.32
N GLN A 306 -8.10 -22.81 -4.72
CA GLN A 306 -6.94 -22.48 -3.91
C GLN A 306 -6.75 -23.48 -2.75
N ASP A 307 -7.82 -23.81 -2.03
CA ASP A 307 -7.74 -24.82 -0.94
C ASP A 307 -7.17 -26.16 -1.44
N MET A 308 -7.65 -26.64 -2.59
CA MET A 308 -7.20 -27.92 -3.16
C MET A 308 -5.71 -27.89 -3.48
N LEU A 309 -5.24 -26.78 -4.04
CA LEU A 309 -3.85 -26.64 -4.43
C LEU A 309 -2.92 -26.60 -3.22
N ARG A 310 -3.32 -25.86 -2.18
CA ARG A 310 -2.60 -25.88 -0.91
C ARG A 310 -2.44 -27.31 -0.35
N ALA A 311 -3.57 -28.03 -0.27
CA ALA A 311 -3.60 -29.40 0.26
C ALA A 311 -2.66 -30.31 -0.52
N GLU A 312 -2.63 -30.14 -1.83
CA GLU A 312 -1.72 -30.93 -2.66
C GLU A 312 -0.26 -30.65 -2.31
N VAL A 313 0.08 -29.38 -2.11
CA VAL A 313 1.46 -28.97 -1.84
C VAL A 313 1.92 -29.35 -0.44
N LEU A 314 1.05 -29.20 0.56
CA LEU A 314 1.33 -29.69 1.92
C LEU A 314 1.56 -31.20 1.93
N ALA A 315 0.72 -31.94 1.21
CA ALA A 315 0.89 -33.39 1.10
C ALA A 315 2.21 -33.70 0.45
N ALA A 316 2.53 -32.94 -0.60
CA ALA A 316 3.72 -33.18 -1.40
C ALA A 316 5.00 -32.86 -0.64
N ARG A 317 4.97 -31.82 0.20
CA ARG A 317 6.13 -31.48 1.00
C ARG A 317 6.38 -32.56 2.06
N HIS A 318 5.31 -33.08 2.65
CA HIS A 318 5.43 -34.17 3.62
C HIS A 318 5.93 -35.45 2.96
N GLN A 319 5.22 -35.91 1.94
CA GLN A 319 5.57 -37.13 1.21
C GLN A 319 7.02 -37.11 0.69
N ALA A 320 7.51 -35.94 0.30
CA ALA A 320 8.85 -35.81 -0.26
C ALA A 320 9.90 -35.59 0.83
N GLN A 321 9.45 -35.65 2.08
CA GLN A 321 10.29 -35.30 3.22
C GLN A 321 11.17 -34.13 2.88
N GLY A 322 10.56 -33.01 2.47
CA GLY A 322 11.27 -31.75 2.25
C GLY A 322 12.03 -31.53 0.94
N ASP A 323 12.41 -32.60 0.23
CA ASP A 323 13.20 -32.47 -1.02
C ASP A 323 12.40 -31.85 -2.19
N MET A 324 12.91 -30.75 -2.75
CA MET A 324 12.21 -30.03 -3.85
C MET A 324 12.10 -30.86 -5.13
N ALA A 325 13.18 -31.52 -5.53
CA ALA A 325 13.18 -32.36 -6.73
C ALA A 325 12.03 -33.38 -6.69
N THR A 326 11.87 -34.03 -5.54
CA THR A 326 10.80 -34.99 -5.29
C THR A 326 9.40 -34.37 -5.29
N MET A 327 9.23 -33.26 -4.58
CA MET A 327 7.98 -32.51 -4.55
C MET A 327 7.40 -32.28 -5.93
N LEU A 328 8.25 -31.84 -6.87
CA LEU A 328 7.85 -31.43 -8.20
C LEU A 328 7.25 -32.56 -9.02
N GLN A 329 7.41 -33.80 -8.54
CA GLN A 329 6.81 -34.96 -9.20
C GLN A 329 5.52 -35.35 -8.49
N LEU A 330 5.12 -34.54 -7.51
CA LEU A 330 3.99 -34.86 -6.64
C LEU A 330 2.92 -33.78 -6.60
N VAL A 331 2.98 -32.84 -7.54
CA VAL A 331 2.00 -31.74 -7.59
C VAL A 331 1.27 -31.64 -8.94
N PRO A 332 0.61 -32.74 -9.39
CA PRO A 332 -0.01 -32.71 -10.73
C PRO A 332 -1.10 -31.64 -10.89
N LEU A 333 -1.86 -31.37 -9.82
CA LEU A 333 -2.87 -30.31 -9.87
C LEU A 333 -2.25 -28.90 -9.94
N LEU A 334 -1.10 -28.70 -9.30
CA LEU A 334 -0.40 -27.42 -9.40
C LEU A 334 0.06 -27.16 -10.83
N LYS A 335 0.68 -28.16 -11.45
CA LYS A 335 1.15 -28.04 -12.82
C LYS A 335 0.01 -27.80 -13.80
N ALA A 336 -1.11 -28.48 -13.58
CA ALA A 336 -2.32 -28.27 -14.38
C ALA A 336 -2.87 -26.86 -14.20
N SER A 337 -2.66 -26.28 -13.04
CA SER A 337 -3.24 -24.96 -12.77
C SER A 337 -2.45 -23.89 -13.52
N ILE A 338 -1.17 -24.17 -13.76
CA ILE A 338 -0.33 -23.30 -14.56
C ILE A 338 -0.75 -23.38 -16.02
N LYS A 339 -1.04 -24.59 -16.49
CA LYS A 339 -1.65 -24.82 -17.80
C LYS A 339 -3.01 -24.12 -17.91
N GLU A 340 -3.83 -24.24 -16.87
CA GLU A 340 -5.08 -23.53 -16.83
C GLU A 340 -4.90 -21.99 -16.81
N THR A 341 -3.85 -21.48 -16.17
CA THR A 341 -3.61 -20.03 -16.14
C THR A 341 -3.23 -19.48 -17.53
N LEU A 342 -2.39 -20.22 -18.25
CA LEU A 342 -1.91 -19.85 -19.57
C LEU A 342 -2.95 -20.02 -20.69
N ARG A 343 -4.02 -20.76 -20.40
CA ARG A 343 -5.12 -20.91 -21.36
C ARG A 343 -6.00 -19.67 -21.32
N LEU A 344 -6.32 -19.22 -20.11
CA LEU A 344 -7.13 -18.03 -19.93
C LEU A 344 -6.31 -16.77 -20.15
N HIS A 345 -5.03 -16.85 -19.83
CA HIS A 345 -4.17 -15.67 -19.87
C HIS A 345 -2.88 -15.99 -20.60
N PRO A 346 -2.97 -16.22 -21.92
CA PRO A 346 -1.73 -16.43 -22.65
C PRO A 346 -0.85 -15.18 -22.56
N ILE A 347 0.46 -15.40 -22.64
CA ILE A 347 1.42 -14.32 -22.81
C ILE A 347 1.38 -13.93 -24.28
N SER A 348 1.30 -14.95 -25.14
CA SER A 348 1.37 -14.82 -26.59
C SER A 348 -0.05 -14.88 -27.21
N VAL A 349 -0.54 -13.81 -27.83
CA VAL A 349 -1.88 -13.83 -28.45
C VAL A 349 -2.02 -14.94 -29.47
N THR A 350 -0.94 -15.15 -30.23
CA THR A 350 -0.95 -16.15 -31.26
C THR A 350 0.32 -16.97 -31.18
N LEU A 351 0.28 -18.10 -31.88
CA LEU A 351 1.47 -18.74 -32.40
C LEU A 351 1.40 -18.48 -33.92
N GLN A 352 2.56 -18.48 -34.57
CA GLN A 352 2.58 -18.31 -36.03
C GLN A 352 3.62 -19.20 -36.68
N ARG A 353 3.29 -19.70 -37.86
CA ARG A 353 4.25 -20.42 -38.68
C ARG A 353 4.11 -19.94 -40.12
N TYR A 354 5.24 -19.79 -40.81
CA TYR A 354 5.23 -19.64 -42.26
C TYR A 354 5.27 -21.04 -42.86
N LEU A 355 4.33 -21.34 -43.75
CA LEU A 355 4.27 -22.67 -44.37
C LEU A 355 5.46 -22.88 -45.28
N VAL A 356 5.96 -24.11 -45.32
CA VAL A 356 7.07 -24.48 -46.20
C VAL A 356 6.49 -25.10 -47.47
N ASN A 357 5.45 -25.91 -47.29
CA ASN A 357 4.65 -26.47 -48.38
C ASN A 357 3.20 -26.01 -48.34
N ASP A 358 2.53 -26.14 -49.48
CA ASP A 358 1.08 -25.94 -49.59
C ASP A 358 0.39 -26.82 -48.57
N LEU A 359 -0.80 -26.41 -48.16
CA LEU A 359 -1.51 -27.10 -47.10
C LEU A 359 -3.00 -26.86 -47.20
N VAL A 360 -3.79 -27.91 -46.99
CA VAL A 360 -5.23 -27.75 -46.95
C VAL A 360 -5.74 -27.68 -45.51
N LEU A 361 -6.50 -26.63 -45.20
CA LEU A 361 -7.17 -26.47 -43.92
C LEU A 361 -8.62 -26.08 -44.16
N ARG A 362 -9.54 -26.84 -43.57
CA ARG A 362 -10.97 -26.63 -43.75
C ARG A 362 -11.31 -26.60 -45.23
N ASP A 363 -10.77 -27.54 -46.01
CA ASP A 363 -11.05 -27.62 -47.46
C ASP A 363 -10.60 -26.35 -48.25
N TYR A 364 -9.74 -25.52 -47.66
CA TYR A 364 -9.14 -24.39 -48.36
C TYR A 364 -7.67 -24.63 -48.64
N MET A 365 -7.22 -24.21 -49.81
CA MET A 365 -5.83 -24.41 -50.23
C MET A 365 -5.02 -23.21 -49.78
N ILE A 366 -4.05 -23.45 -48.90
CA ILE A 366 -3.17 -22.39 -48.42
C ILE A 366 -1.74 -22.58 -48.94
N PRO A 367 -1.28 -21.67 -49.82
CA PRO A 367 0.01 -21.83 -50.48
C PRO A 367 1.23 -21.65 -49.58
N ALA A 368 2.32 -22.34 -49.93
CA ALA A 368 3.61 -22.22 -49.24
C ALA A 368 4.01 -20.77 -49.08
N LYS A 369 4.61 -20.47 -47.93
CA LYS A 369 5.09 -19.14 -47.57
C LYS A 369 4.02 -18.24 -46.93
N THR A 370 2.78 -18.74 -46.87
CA THR A 370 1.74 -18.03 -46.13
C THR A 370 2.03 -18.05 -44.62
N LEU A 371 1.73 -16.95 -43.95
CA LEU A 371 1.74 -16.90 -42.51
C LEU A 371 0.40 -17.45 -42.01
N VAL A 372 0.46 -18.48 -41.18
CA VAL A 372 -0.72 -18.97 -40.48
C VAL A 372 -0.58 -18.69 -38.98
N GLN A 373 -1.64 -18.15 -38.39
CA GLN A 373 -1.65 -17.81 -36.97
C GLN A 373 -2.71 -18.56 -36.19
N VAL A 374 -2.28 -19.18 -35.10
CA VAL A 374 -3.20 -19.85 -34.20
C VAL A 374 -3.63 -18.87 -33.15
N ALA A 375 -4.92 -18.54 -33.13
CA ALA A 375 -5.42 -17.58 -32.17
C ALA A 375 -5.58 -18.17 -30.75
N ILE A 376 -4.45 -18.33 -30.09
CA ILE A 376 -4.35 -18.96 -28.76
C ILE A 376 -5.28 -18.33 -27.71
N TYR A 377 -5.36 -16.99 -27.70
CA TYR A 377 -6.27 -16.31 -26.78
C TYR A 377 -7.73 -16.68 -27.05
N ALA A 378 -8.13 -16.56 -28.31
CA ALA A 378 -9.51 -16.80 -28.70
C ALA A 378 -9.88 -18.26 -28.42
N LEU A 379 -8.95 -19.15 -28.70
CA LEU A 379 -9.09 -20.55 -28.38
C LEU A 379 -9.45 -20.78 -26.91
N GLY A 380 -8.68 -20.22 -25.99
CA GLY A 380 -8.89 -20.47 -24.56
C GLY A 380 -10.19 -19.95 -23.99
N ARG A 381 -10.85 -19.07 -24.74
CA ARG A 381 -12.12 -18.50 -24.31
C ARG A 381 -13.26 -19.17 -25.06
N GLU A 382 -12.91 -20.04 -26.01
CA GLU A 382 -13.89 -20.64 -26.92
C GLU A 382 -14.72 -21.80 -26.31
N PRO A 383 -16.03 -21.58 -26.07
CA PRO A 383 -16.84 -22.57 -25.37
C PRO A 383 -17.04 -23.89 -26.10
N THR A 384 -16.71 -23.94 -27.39
CA THR A 384 -16.78 -25.20 -28.15
C THR A 384 -15.51 -26.03 -28.05
N PHE A 385 -14.44 -25.47 -27.49
CA PHE A 385 -13.17 -26.18 -27.40
C PHE A 385 -12.75 -26.45 -25.96
N PHE A 386 -13.35 -25.72 -25.04
CA PHE A 386 -13.19 -25.96 -23.62
C PHE A 386 -14.54 -25.87 -22.95
N PHE A 387 -14.88 -26.89 -22.16
CA PHE A 387 -16.09 -26.89 -21.37
C PHE A 387 -16.03 -25.76 -20.34
N ASP A 388 -17.10 -24.96 -20.29
CA ASP A 388 -17.23 -23.81 -19.36
C ASP A 388 -15.93 -22.99 -19.27
N PRO A 389 -15.54 -22.36 -20.40
CA PRO A 389 -14.23 -21.68 -20.52
C PRO A 389 -13.95 -20.52 -19.53
N GLU A 390 -14.97 -19.86 -18.99
CA GLU A 390 -14.70 -18.77 -18.05
C GLU A 390 -14.39 -19.30 -16.64
N ASN A 391 -14.42 -20.62 -16.47
CA ASN A 391 -14.17 -21.22 -15.17
C ASN A 391 -12.74 -21.75 -15.08
N PHE A 392 -12.06 -21.32 -14.02
CA PHE A 392 -10.70 -21.77 -13.73
C PHE A 392 -10.79 -23.17 -13.13
N ASP A 393 -10.49 -24.20 -13.92
CA ASP A 393 -10.59 -25.59 -13.49
C ASP A 393 -9.38 -26.41 -13.93
N PRO A 394 -8.39 -26.54 -13.03
CA PRO A 394 -7.17 -27.29 -13.34
C PRO A 394 -7.42 -28.77 -13.61
N THR A 395 -8.46 -29.35 -13.03
CA THR A 395 -8.73 -30.80 -13.22
C THR A 395 -8.94 -31.15 -14.69
N ARG A 396 -9.50 -30.19 -15.43
CA ARG A 396 -9.61 -30.24 -16.89
C ARG A 396 -8.39 -30.88 -17.60
N TRP A 397 -7.18 -30.63 -17.10
CA TRP A 397 -5.94 -31.13 -17.72
C TRP A 397 -5.55 -32.53 -17.24
N LEU A 398 -6.24 -33.00 -16.21
CA LEU A 398 -6.02 -34.33 -15.66
C LEU A 398 -6.92 -35.39 -16.28
N SER A 399 -8.06 -34.96 -16.82
CA SER A 399 -9.04 -35.86 -17.45
C SER A 399 -8.38 -36.96 -18.29
N LYS A 400 -8.78 -38.20 -18.07
CA LYS A 400 -8.23 -39.31 -18.86
C LYS A 400 -8.87 -39.41 -20.25
N ASP A 401 -9.92 -38.62 -20.48
CA ASP A 401 -10.45 -38.40 -21.82
C ASP A 401 -9.48 -37.51 -22.59
N LYS A 402 -8.48 -38.15 -23.19
CA LYS A 402 -7.42 -37.44 -23.92
C LYS A 402 -7.86 -37.04 -25.33
N ASN A 403 -9.13 -36.63 -25.41
CA ASN A 403 -9.68 -35.94 -26.55
C ASN A 403 -9.86 -34.50 -26.09
N ILE A 404 -10.06 -34.35 -24.79
CA ILE A 404 -10.32 -33.06 -24.16
C ILE A 404 -9.09 -32.13 -24.12
N THR A 405 -7.89 -32.69 -24.26
CA THR A 405 -6.65 -31.90 -24.17
C THR A 405 -5.81 -31.94 -25.45
N TYR A 406 -6.37 -32.49 -26.53
CA TYR A 406 -5.67 -32.57 -27.81
C TYR A 406 -5.33 -31.16 -28.32
N PHE A 407 -4.03 -30.90 -28.50
CA PHE A 407 -3.52 -29.57 -28.90
C PHE A 407 -4.22 -28.39 -28.22
N ARG A 408 -4.23 -28.42 -26.89
CA ARG A 408 -4.87 -27.35 -26.11
C ARG A 408 -3.84 -26.60 -25.31
N ASN A 409 -2.74 -27.26 -24.97
CA ASN A 409 -1.69 -26.70 -24.14
C ASN A 409 -0.66 -25.98 -25.00
N LEU A 410 -0.98 -24.76 -25.41
CA LEU A 410 -0.21 -24.08 -26.44
C LEU A 410 0.49 -22.80 -25.96
N GLY A 411 0.39 -22.49 -24.67
CA GLY A 411 1.02 -21.31 -24.10
C GLY A 411 2.50 -21.14 -24.39
N PHE A 412 3.25 -22.25 -24.39
CA PHE A 412 4.67 -22.20 -24.71
C PHE A 412 4.99 -22.60 -26.16
N GLY A 413 3.98 -22.81 -26.99
CA GLY A 413 4.22 -23.18 -28.38
C GLY A 413 4.43 -24.67 -28.62
N TRP A 414 5.10 -25.02 -29.71
CA TRP A 414 5.15 -26.40 -30.14
C TRP A 414 6.46 -26.72 -30.84
N GLY A 415 6.90 -27.97 -30.70
CA GLY A 415 7.98 -28.50 -31.50
C GLY A 415 9.32 -27.90 -31.19
N VAL A 416 10.23 -27.96 -32.17
CA VAL A 416 11.64 -27.57 -31.96
C VAL A 416 11.83 -26.10 -31.63
N ARG A 417 10.84 -25.27 -31.97
CA ARG A 417 10.94 -23.81 -31.76
C ARG A 417 9.90 -23.25 -30.77
N GLN A 418 9.38 -24.13 -29.93
CA GLN A 418 8.66 -23.72 -28.73
C GLN A 418 9.54 -22.79 -27.88
N CYS A 419 8.93 -22.13 -26.89
CA CYS A 419 9.67 -21.33 -25.92
C CYS A 419 10.99 -21.98 -25.52
N LEU A 420 12.08 -21.23 -25.63
CA LEU A 420 13.37 -21.70 -25.13
C LEU A 420 13.39 -21.70 -23.61
N GLY A 421 12.62 -20.81 -23.00
CA GLY A 421 12.66 -20.62 -21.56
C GLY A 421 11.57 -21.40 -20.86
N ARG A 422 11.01 -22.41 -21.53
CA ARG A 422 9.86 -23.13 -21.01
C ARG A 422 10.15 -23.84 -19.69
N ARG A 423 11.29 -24.51 -19.62
CA ARG A 423 11.65 -25.21 -18.39
C ARG A 423 11.98 -24.25 -17.27
N ILE A 424 12.66 -23.16 -17.58
CA ILE A 424 12.97 -22.12 -16.58
C ILE A 424 11.66 -21.55 -16.04
N ALA A 425 10.71 -21.29 -16.94
CA ALA A 425 9.46 -20.67 -16.56
C ALA A 425 8.62 -21.65 -15.74
N GLU A 426 8.45 -22.88 -16.24
CA GLU A 426 7.66 -23.90 -15.53
C GLU A 426 8.22 -24.12 -14.14
N LEU A 427 9.53 -24.38 -14.05
CA LEU A 427 10.20 -24.60 -12.78
C LEU A 427 10.12 -23.40 -11.84
N GLU A 428 10.32 -22.20 -12.38
CA GLU A 428 10.27 -20.97 -11.58
C GLU A 428 8.87 -20.73 -11.02
N MET A 429 7.84 -20.91 -11.84
CA MET A 429 6.47 -20.67 -11.40
C MET A 429 5.99 -21.74 -10.44
N THR A 430 6.31 -23.00 -10.73
CA THR A 430 5.88 -24.09 -9.86
C THR A 430 6.52 -23.95 -8.47
N ILE A 431 7.82 -23.62 -8.43
CA ILE A 431 8.52 -23.39 -7.17
C ILE A 431 8.02 -22.13 -6.45
N PHE A 432 7.71 -21.11 -7.23
CA PHE A 432 7.20 -19.89 -6.65
C PHE A 432 5.90 -20.21 -5.92
N LEU A 433 5.03 -20.97 -6.57
CA LEU A 433 3.67 -21.23 -6.07
C LEU A 433 3.65 -22.23 -4.92
N ILE A 434 4.58 -23.18 -4.93
CA ILE A 434 4.77 -24.07 -3.81
C ILE A 434 5.03 -23.24 -2.54
N ASN A 435 6.02 -22.35 -2.62
CA ASN A 435 6.41 -21.49 -1.51
C ASN A 435 5.31 -20.54 -1.02
N MET A 436 4.60 -19.91 -1.96
CA MET A 436 3.49 -19.05 -1.59
C MET A 436 2.35 -19.83 -0.91
N LEU A 437 1.97 -20.97 -1.50
CA LEU A 437 0.87 -21.77 -0.97
C LEU A 437 1.11 -22.26 0.46
N GLU A 438 2.38 -22.52 0.78
CA GLU A 438 2.76 -22.97 2.11
C GLU A 438 2.69 -21.84 3.13
N ASN A 439 2.77 -20.60 2.66
CA ASN A 439 2.94 -19.46 3.58
C ASN A 439 1.78 -18.50 3.71
N PHE A 440 0.94 -18.37 2.67
CA PHE A 440 -0.10 -17.35 2.66
C PHE A 440 -1.41 -17.81 2.06
N ARG A 441 -2.49 -17.24 2.54
CA ARG A 441 -3.77 -17.32 1.86
C ARG A 441 -3.90 -16.05 1.04
N VAL A 442 -4.38 -16.18 -0.19
CA VAL A 442 -4.50 -15.03 -1.09
C VAL A 442 -5.96 -14.64 -1.39
N GLU A 443 -6.28 -13.38 -1.13
CA GLU A 443 -7.59 -12.82 -1.42
C GLU A 443 -7.49 -11.51 -2.22
N ILE A 444 -8.60 -11.08 -2.83
CA ILE A 444 -8.69 -9.74 -3.40
C ILE A 444 -9.95 -9.08 -2.85
N GLN A 445 -9.76 -8.03 -2.06
CA GLN A 445 -10.86 -7.23 -1.55
C GLN A 445 -11.58 -6.53 -2.69
N HIS A 446 -12.90 -6.40 -2.56
CA HIS A 446 -13.72 -5.80 -3.61
C HIS A 446 -13.31 -6.36 -5.00
N LEU A 447 -13.23 -7.69 -5.09
CA LEU A 447 -12.89 -8.39 -6.32
C LEU A 447 -13.81 -8.00 -7.48
N SER A 448 -13.22 -7.78 -8.65
CA SER A 448 -13.94 -7.49 -9.89
C SER A 448 -13.23 -8.19 -11.03
N ASP A 449 -13.92 -8.33 -12.16
CA ASP A 449 -13.33 -8.94 -13.35
C ASP A 449 -12.22 -8.05 -13.94
N VAL A 450 -11.01 -8.59 -14.02
CA VAL A 450 -9.91 -7.84 -14.62
C VAL A 450 -9.71 -8.30 -16.05
N GLY A 451 -9.76 -7.35 -16.98
CA GLY A 451 -9.57 -7.62 -18.40
C GLY A 451 -8.12 -7.63 -18.84
N THR A 452 -7.91 -7.78 -20.14
CA THR A 452 -6.59 -7.94 -20.71
C THR A 452 -6.26 -6.82 -21.68
N THR A 453 -5.04 -6.31 -21.62
CA THR A 453 -4.57 -5.36 -22.62
C THR A 453 -3.36 -5.92 -23.39
N PHE A 454 -3.23 -5.53 -24.65
CA PHE A 454 -2.13 -6.02 -25.49
C PHE A 454 -0.97 -5.03 -25.49
N ASN A 455 0.10 -5.41 -24.78
CA ASN A 455 1.32 -4.62 -24.69
C ASN A 455 2.43 -5.43 -25.29
N LEU A 456 2.13 -5.96 -26.48
CA LEU A 456 2.94 -6.93 -27.20
C LEU A 456 2.86 -8.29 -26.52
N ILE A 457 3.21 -8.35 -25.25
CA ILE A 457 2.77 -9.44 -24.41
C ILE A 457 1.38 -9.04 -23.91
N LEU A 458 0.53 -10.02 -23.64
CA LEU A 458 -0.75 -9.75 -23.01
C LEU A 458 -0.55 -9.52 -21.52
N MET A 459 -1.22 -8.50 -20.99
CA MET A 459 -1.08 -8.12 -19.59
C MET A 459 -2.42 -7.74 -19.04
N PRO A 460 -2.58 -7.75 -17.70
CA PRO A 460 -3.84 -7.23 -17.13
C PRO A 460 -4.04 -5.78 -17.52
N GLU A 461 -5.29 -5.40 -17.69
CA GLU A 461 -5.70 -4.07 -18.10
C GLU A 461 -5.52 -3.00 -17.03
N LYS A 462 -5.54 -3.41 -15.76
CA LYS A 462 -5.48 -2.48 -14.61
C LYS A 462 -4.85 -3.20 -13.41
N PRO A 463 -4.44 -2.45 -12.37
CA PRO A 463 -3.74 -3.10 -11.27
C PRO A 463 -4.60 -4.09 -10.48
N ILE A 464 -3.95 -5.09 -9.88
CA ILE A 464 -4.62 -6.06 -9.02
C ILE A 464 -4.02 -5.95 -7.63
N SER A 465 -4.83 -5.54 -6.66
CA SER A 465 -4.38 -5.39 -5.30
C SER A 465 -4.75 -6.59 -4.42
N PHE A 466 -3.77 -7.43 -4.09
CA PHE A 466 -4.00 -8.63 -3.29
C PHE A 466 -3.98 -8.36 -1.80
N THR A 467 -4.62 -9.25 -1.03
CA THR A 467 -4.43 -9.32 0.42
C THR A 467 -3.86 -10.69 0.77
N PHE A 468 -2.79 -10.66 1.58
CA PHE A 468 -2.11 -11.88 2.02
C PHE A 468 -2.28 -12.10 3.52
N TRP A 469 -2.65 -13.32 3.89
CA TRP A 469 -2.75 -13.73 5.30
C TRP A 469 -1.73 -14.86 5.58
N PRO A 470 -0.94 -14.72 6.66
CA PRO A 470 -0.07 -15.82 7.11
C PRO A 470 -0.93 -17.06 7.34
N PHE A 471 -0.49 -18.21 6.83
CA PHE A 471 -1.30 -19.44 6.82
C PHE A 471 -0.99 -20.33 8.03
N PRO B 2 -19.39 15.29 57.02
CA PRO B 2 -18.52 14.86 55.91
C PRO B 2 -17.45 13.85 56.36
N ARG B 3 -17.38 12.71 55.67
CA ARG B 3 -16.46 11.62 56.04
C ARG B 3 -15.00 11.98 55.74
N PRO B 4 -14.05 11.43 56.53
CA PRO B 4 -12.63 11.78 56.33
C PRO B 4 -12.06 11.16 55.04
N PHE B 5 -11.04 11.80 54.47
CA PHE B 5 -10.34 11.32 53.26
C PHE B 5 -10.10 9.79 53.22
N ASN B 6 -9.62 9.24 54.34
CA ASN B 6 -9.21 7.84 54.41
C ASN B 6 -10.35 6.84 54.21
N GLU B 7 -11.59 7.34 54.24
CA GLU B 7 -12.75 6.46 54.05
C GLU B 7 -13.20 6.29 52.59
N ILE B 8 -12.66 7.14 51.71
CA ILE B 8 -12.86 6.97 50.28
C ILE B 8 -12.36 5.58 49.90
N PRO B 9 -13.22 4.76 49.26
CA PRO B 9 -12.79 3.44 48.80
C PRO B 9 -11.45 3.47 48.06
N SER B 10 -10.65 2.41 48.25
CA SER B 10 -9.29 2.32 47.77
C SER B 10 -8.80 0.86 47.78
N PRO B 11 -7.99 0.45 46.79
CA PRO B 11 -7.36 -0.89 46.82
C PRO B 11 -6.36 -1.13 47.96
N GLY B 12 -6.01 -0.06 48.69
CA GLY B 12 -5.01 -0.13 49.76
C GLY B 12 -4.05 1.04 49.71
N ASP B 13 -3.32 1.28 50.79
CA ASP B 13 -2.43 2.43 50.92
C ASP B 13 -1.02 2.21 50.38
N ASN B 14 -0.74 1.01 49.89
CA ASN B 14 0.58 0.71 49.36
C ASN B 14 0.65 0.87 47.84
N GLY B 15 1.22 2.00 47.42
CA GLY B 15 1.30 2.39 46.02
C GLY B 15 2.10 1.45 45.16
N TRP B 16 3.06 0.75 45.76
CA TRP B 16 3.92 -0.19 45.04
C TRP B 16 3.20 -1.51 44.80
N LEU B 17 2.40 -1.91 45.78
CA LEU B 17 1.55 -3.07 45.65
C LEU B 17 0.43 -2.81 44.64
N ASN B 18 -0.19 -1.63 44.73
CA ASN B 18 -1.20 -1.20 43.78
C ASN B 18 -0.68 -1.21 42.33
N LEU B 19 0.51 -0.68 42.16
CA LEU B 19 1.13 -0.61 40.85
C LEU B 19 1.42 -2.01 40.33
N TYR B 20 1.86 -2.88 41.23
CA TYR B 20 2.06 -4.29 40.93
C TYR B 20 0.79 -4.98 40.40
N HIS B 21 -0.29 -4.88 41.17
CA HIS B 21 -1.59 -5.45 40.75
C HIS B 21 -2.12 -4.85 39.45
N PHE B 22 -1.96 -3.54 39.29
CA PHE B 22 -2.35 -2.86 38.06
C PHE B 22 -1.61 -3.42 36.84
N TRP B 23 -0.28 -3.61 36.98
CA TRP B 23 0.55 -4.14 35.90
C TRP B 23 0.24 -5.57 35.52
N ARG B 24 0.10 -6.44 36.52
CA ARG B 24 -0.10 -7.87 36.30
C ARG B 24 -1.51 -8.17 35.78
N GLU B 25 -2.51 -7.48 36.33
CA GLU B 25 -3.92 -7.75 36.00
C GLU B 25 -4.40 -7.06 34.73
N THR B 26 -3.99 -5.82 34.51
CA THR B 26 -4.55 -5.01 33.43
C THR B 26 -3.51 -4.58 32.40
N GLY B 27 -2.35 -4.11 32.89
CA GLY B 27 -1.26 -3.71 32.01
C GLY B 27 -1.17 -2.22 31.80
N THR B 28 0.05 -1.74 31.53
CA THR B 28 0.29 -0.29 31.45
C THR B 28 -0.44 0.38 30.28
N HIS B 29 -0.68 -0.39 29.21
CA HIS B 29 -1.32 0.14 28.03
C HIS B 29 -2.85 -0.04 28.06
N LYS B 30 -3.36 -0.40 29.23
CA LYS B 30 -4.79 -0.56 29.42
C LYS B 30 -5.26 0.23 30.65
N VAL B 31 -4.63 1.38 30.90
CA VAL B 31 -5.02 2.22 32.04
C VAL B 31 -6.50 2.65 31.98
N HIS B 32 -7.00 2.98 30.77
CA HIS B 32 -8.42 3.29 30.59
C HIS B 32 -9.32 2.17 31.11
N LEU B 33 -8.95 0.91 30.85
CA LEU B 33 -9.69 -0.24 31.37
C LEU B 33 -9.58 -0.33 32.88
N HIS B 34 -8.39 -0.05 33.40
CA HIS B 34 -8.16 0.01 34.84
C HIS B 34 -9.21 0.94 35.51
N HIS B 35 -9.46 2.11 34.92
CA HIS B 35 -10.47 3.04 35.46
C HIS B 35 -11.89 2.50 35.39
N VAL B 36 -12.29 1.90 34.26
CA VAL B 36 -13.63 1.33 34.14
C VAL B 36 -13.86 0.29 35.24
N GLN B 37 -12.93 -0.65 35.35
CA GLN B 37 -12.99 -1.72 36.35
C GLN B 37 -12.99 -1.18 37.79
N ASN B 38 -12.25 -0.12 38.04
CA ASN B 38 -12.19 0.46 39.37
C ASN B 38 -13.53 1.02 39.80
N PHE B 39 -14.14 1.87 38.97
CA PHE B 39 -15.49 2.38 39.24
C PHE B 39 -16.56 1.27 39.37
N GLN B 40 -16.37 0.15 38.70
CA GLN B 40 -17.27 -0.98 38.88
C GLN B 40 -17.05 -1.66 40.25
N LYS B 41 -15.79 -1.66 40.73
CA LYS B 41 -15.45 -2.20 42.06
C LYS B 41 -15.83 -1.27 43.20
N TYR B 42 -15.58 0.03 43.04
CA TYR B 42 -15.64 0.94 44.19
C TYR B 42 -16.82 1.91 44.20
N GLY B 43 -17.53 1.96 43.09
CA GLY B 43 -18.57 2.96 42.91
C GLY B 43 -17.98 4.22 42.30
N PRO B 44 -18.73 5.33 42.35
CA PRO B 44 -18.45 6.53 41.55
C PRO B 44 -17.22 7.36 41.98
N ILE B 45 -16.64 7.04 43.12
CA ILE B 45 -15.45 7.76 43.60
C ILE B 45 -14.49 6.85 44.35
N TYR B 46 -13.21 7.00 44.06
CA TYR B 46 -12.20 6.20 44.72
C TYR B 46 -10.88 6.92 44.74
N ARG B 47 -9.97 6.42 45.57
CA ARG B 47 -8.59 6.91 45.61
C ARG B 47 -7.63 5.75 45.34
N GLU B 48 -6.57 6.04 44.60
CA GLU B 48 -5.55 5.04 44.35
C GLU B 48 -4.19 5.70 44.31
N LYS B 49 -3.30 5.19 45.15
CA LYS B 49 -1.89 5.53 45.10
C LYS B 49 -1.22 4.59 44.11
N LEU B 50 -0.62 5.16 43.08
CA LEU B 50 0.19 4.38 42.15
C LEU B 50 1.64 4.81 42.30
N GLY B 51 2.45 3.97 42.94
CA GLY B 51 3.83 4.31 43.25
C GLY B 51 3.86 5.39 44.30
N ASN B 52 4.34 6.58 43.93
CA ASN B 52 4.40 7.69 44.88
C ASN B 52 3.20 8.61 44.80
N VAL B 53 2.44 8.53 43.71
CA VAL B 53 1.33 9.47 43.47
C VAL B 53 -0.08 8.93 43.80
N GLU B 54 -0.77 9.64 44.69
CA GLU B 54 -2.17 9.36 45.00
C GLU B 54 -3.10 10.33 44.27
N SER B 55 -4.21 9.80 43.78
CA SER B 55 -5.28 10.63 43.23
C SER B 55 -6.60 10.16 43.79
N VAL B 56 -7.55 11.08 43.83
CA VAL B 56 -8.96 10.73 43.93
C VAL B 56 -9.45 10.71 42.49
N TYR B 57 -10.21 9.67 42.15
CA TYR B 57 -10.82 9.61 40.83
C TYR B 57 -12.32 9.77 40.90
N VAL B 58 -12.85 10.64 40.03
CA VAL B 58 -14.29 10.88 39.93
C VAL B 58 -14.78 10.56 38.52
N ILE B 59 -16.08 10.32 38.39
CA ILE B 59 -16.71 9.96 37.11
C ILE B 59 -17.97 10.77 36.82
N ASP B 60 -18.76 11.02 37.88
CA ASP B 60 -20.04 11.74 37.76
C ASP B 60 -19.87 13.20 37.37
N PRO B 61 -20.55 13.64 36.29
CA PRO B 61 -20.49 15.04 35.88
C PRO B 61 -20.83 16.05 36.99
N GLU B 62 -21.70 15.66 37.92
CA GLU B 62 -22.05 16.50 39.08
C GLU B 62 -20.84 16.82 39.95
N ASP B 63 -19.97 15.83 40.13
CA ASP B 63 -18.71 16.02 40.85
C ASP B 63 -17.69 16.80 39.99
N VAL B 64 -17.74 16.57 38.68
CA VAL B 64 -16.88 17.29 37.76
C VAL B 64 -17.19 18.79 37.84
N ALA B 65 -18.48 19.11 37.84
CA ALA B 65 -18.95 20.49 37.97
C ALA B 65 -18.45 21.15 39.26
N LEU B 66 -18.52 20.43 40.39
CA LEU B 66 -18.05 20.96 41.66
C LEU B 66 -16.54 21.19 41.65
N LEU B 67 -15.82 20.27 41.03
CA LEU B 67 -14.37 20.36 40.95
C LEU B 67 -13.93 21.65 40.26
N PHE B 68 -14.42 21.85 39.05
CA PHE B 68 -14.05 23.04 38.29
C PHE B 68 -14.70 24.33 38.82
N LYS B 69 -15.70 24.21 39.68
CA LYS B 69 -16.36 25.37 40.27
C LYS B 69 -15.42 26.06 41.27
N SER B 70 -14.70 25.24 42.02
CA SER B 70 -13.74 25.76 42.99
C SER B 70 -12.35 25.67 42.38
N GLU B 71 -12.18 26.28 41.22
CA GLU B 71 -10.89 26.32 40.57
C GLU B 71 -10.22 27.68 40.80
N GLY B 72 -8.93 27.63 41.12
CA GLY B 72 -8.14 28.83 41.35
C GLY B 72 -7.90 29.59 40.06
N PRO B 73 -7.30 30.78 40.16
CA PRO B 73 -6.94 31.53 38.95
C PRO B 73 -5.77 30.90 38.18
N ASN B 74 -4.97 30.07 38.84
CA ASN B 74 -3.80 29.43 38.22
C ASN B 74 -3.80 27.89 38.34
N PRO B 75 -4.67 27.21 37.57
CA PRO B 75 -4.90 25.76 37.71
C PRO B 75 -3.67 24.90 37.37
N GLU B 76 -3.59 23.74 38.03
CA GLU B 76 -2.50 22.81 37.78
C GLU B 76 -3.04 21.41 37.53
N ARG B 77 -2.60 20.81 36.43
CA ARG B 77 -2.95 19.44 36.10
C ARG B 77 -1.75 18.57 36.47
N PHE B 78 -1.81 17.28 36.18
CA PHE B 78 -0.72 16.39 36.54
C PHE B 78 0.40 16.59 35.53
N LEU B 79 1.62 16.77 36.03
CA LEU B 79 2.80 16.91 35.20
C LEU B 79 3.42 15.54 34.94
N ILE B 80 3.75 15.27 33.68
CA ILE B 80 4.31 13.98 33.29
C ILE B 80 5.81 13.93 33.62
N PRO B 81 6.18 13.09 34.61
CA PRO B 81 7.53 13.09 35.19
C PRO B 81 8.68 12.88 34.18
N PRO B 82 8.58 11.90 33.28
CA PRO B 82 9.63 11.85 32.25
C PRO B 82 9.79 13.16 31.46
N TRP B 83 8.70 13.86 31.20
CA TRP B 83 8.77 15.14 30.48
C TRP B 83 9.46 16.22 31.31
N VAL B 84 9.03 16.34 32.56
CA VAL B 84 9.62 17.32 33.48
C VAL B 84 11.11 17.06 33.58
N ALA B 85 11.46 15.80 33.85
CA ALA B 85 12.86 15.40 34.07
C ALA B 85 13.74 15.72 32.88
N TYR B 86 13.25 15.45 31.68
CA TYR B 86 14.01 15.76 30.48
C TYR B 86 14.31 17.26 30.40
N HIS B 87 13.31 18.08 30.63
CA HIS B 87 13.45 19.51 30.48
C HIS B 87 14.37 20.06 31.56
N GLN B 88 14.23 19.55 32.78
CA GLN B 88 15.08 20.00 33.88
C GLN B 88 16.51 19.55 33.67
N TYR B 89 16.71 18.25 33.55
CA TYR B 89 18.07 17.74 33.42
C TYR B 89 18.86 18.33 32.25
N TYR B 90 18.23 18.40 31.08
CA TYR B 90 18.92 18.92 29.88
C TYR B 90 18.70 20.42 29.71
N GLN B 91 18.15 21.04 30.73
CA GLN B 91 17.87 22.49 30.72
C GLN B 91 17.34 22.94 29.36
N ARG B 92 16.17 22.43 29.02
CA ARG B 92 15.45 22.85 27.83
C ARG B 92 14.42 23.90 28.26
N PRO B 93 14.18 24.92 27.42
CA PRO B 93 13.22 25.94 27.84
C PRO B 93 11.81 25.40 27.81
N ILE B 94 11.03 25.71 28.84
CA ILE B 94 9.70 25.13 28.98
C ILE B 94 8.64 26.09 28.46
N GLY B 95 7.56 25.53 27.93
CA GLY B 95 6.45 26.32 27.46
C GLY B 95 5.28 26.22 28.41
N VAL B 96 4.13 26.69 27.95
CA VAL B 96 2.93 26.79 28.76
C VAL B 96 2.54 25.47 29.46
N LEU B 97 2.76 24.33 28.81
CA LEU B 97 2.40 23.05 29.41
C LEU B 97 3.12 22.78 30.74
N LEU B 98 4.37 23.20 30.84
CA LEU B 98 5.21 22.85 31.99
C LEU B 98 5.40 23.95 33.02
N LYS B 99 4.72 25.08 32.80
CA LYS B 99 4.79 26.21 33.70
C LYS B 99 3.62 26.19 34.66
N LYS B 100 3.75 26.93 35.75
CA LYS B 100 2.64 27.13 36.66
C LYS B 100 2.54 28.59 37.07
N SER B 101 1.50 28.91 37.84
CA SER B 101 1.41 30.17 38.54
C SER B 101 1.44 31.36 37.56
N ALA B 102 2.04 32.47 37.98
CA ALA B 102 2.10 33.70 37.17
C ALA B 102 2.81 33.50 35.82
N ALA B 103 3.94 32.78 35.85
CA ALA B 103 4.68 32.47 34.63
C ALA B 103 3.81 31.70 33.61
N TRP B 104 2.85 30.92 34.09
CA TRP B 104 1.94 30.22 33.21
C TRP B 104 0.95 31.20 32.59
N LYS B 105 0.43 32.11 33.42
CA LYS B 105 -0.63 33.04 33.02
C LYS B 105 -0.14 34.02 31.97
N LYS B 106 1.10 34.48 32.16
CA LYS B 106 1.75 35.42 31.27
C LYS B 106 1.86 34.82 29.86
N ASP B 107 2.27 33.56 29.76
CA ASP B 107 2.32 32.86 28.49
C ASP B 107 0.93 32.58 27.94
N ARG B 108 0.05 32.07 28.78
CA ARG B 108 -1.29 31.71 28.33
C ARG B 108 -2.03 32.90 27.72
N VAL B 109 -1.97 34.04 28.41
CA VAL B 109 -2.63 35.25 27.93
C VAL B 109 -2.04 35.70 26.57
N ALA B 110 -0.72 35.73 26.45
CA ALA B 110 -0.08 36.15 25.19
C ALA B 110 -0.43 35.19 24.06
N LEU B 111 -0.50 33.91 24.39
CA LEU B 111 -0.81 32.87 23.42
C LEU B 111 -2.28 32.83 23.04
N ASN B 112 -3.15 33.01 24.02
CA ASN B 112 -4.60 33.05 23.76
C ASN B 112 -4.99 34.08 22.70
N GLN B 113 -4.37 35.26 22.71
CA GLN B 113 -4.77 36.26 21.73
C GLN B 113 -4.39 35.91 20.28
N GLU B 114 -3.39 35.05 20.10
CA GLU B 114 -3.00 34.61 18.76
C GLU B 114 -3.53 33.24 18.33
N VAL B 115 -4.08 32.48 19.27
CA VAL B 115 -4.38 31.07 19.03
C VAL B 115 -5.81 30.66 19.38
N MET B 116 -6.42 31.35 20.34
CA MET B 116 -7.78 31.06 20.80
C MET B 116 -8.78 32.14 20.39
N ALA B 117 -8.34 33.39 20.36
CA ALA B 117 -9.21 34.55 20.06
C ALA B 117 -9.85 34.50 18.65
N PRO B 118 -11.18 34.68 18.59
CA PRO B 118 -11.93 34.65 17.32
C PRO B 118 -11.32 35.53 16.23
N GLU B 119 -10.83 36.71 16.58
CA GLU B 119 -10.25 37.62 15.59
C GLU B 119 -8.97 37.09 14.96
N ALA B 120 -8.20 36.34 15.74
CA ALA B 120 -7.00 35.66 15.27
C ALA B 120 -7.34 34.37 14.55
N THR B 121 -8.30 33.61 15.08
CA THR B 121 -8.59 32.28 14.53
C THR B 121 -9.26 32.30 13.15
N LYS B 122 -9.98 33.38 12.83
CA LYS B 122 -10.67 33.47 11.54
C LYS B 122 -9.65 33.42 10.38
N ASN B 123 -8.41 33.82 10.65
CA ASN B 123 -7.32 33.70 9.67
C ASN B 123 -6.81 32.28 9.38
N PHE B 124 -7.16 31.34 10.25
CA PHE B 124 -6.76 29.94 10.07
C PHE B 124 -7.49 29.27 8.90
N LEU B 125 -8.67 29.78 8.55
CA LEU B 125 -9.57 29.09 7.61
C LEU B 125 -8.92 28.75 6.25
N PRO B 126 -8.36 29.74 5.53
CA PRO B 126 -7.75 29.42 4.24
C PRO B 126 -6.50 28.53 4.35
N LEU B 127 -5.77 28.68 5.46
CA LEU B 127 -4.54 27.93 5.68
C LEU B 127 -4.82 26.44 5.96
N LEU B 128 -5.84 26.18 6.77
CA LEU B 128 -6.23 24.80 7.09
C LEU B 128 -6.95 24.15 5.91
N ASP B 129 -7.86 24.90 5.30
CA ASP B 129 -8.59 24.46 4.11
C ASP B 129 -7.68 24.06 2.93
N ALA B 130 -6.62 24.84 2.69
CA ALA B 130 -5.63 24.50 1.68
C ALA B 130 -5.00 23.13 1.94
N VAL B 131 -4.67 22.85 3.20
CA VAL B 131 -4.09 21.56 3.52
C VAL B 131 -5.12 20.43 3.29
N SER B 132 -6.33 20.59 3.85
CA SER B 132 -7.41 19.62 3.63
C SER B 132 -7.71 19.33 2.15
N ARG B 133 -7.76 20.37 1.31
CA ARG B 133 -7.99 20.17 -0.12
C ARG B 133 -6.90 19.32 -0.77
N ASP B 134 -5.65 19.59 -0.40
CA ASP B 134 -4.51 18.79 -0.85
C ASP B 134 -4.59 17.33 -0.39
N PHE B 135 -5.07 17.10 0.83
CA PHE B 135 -5.27 15.74 1.32
C PHE B 135 -6.28 15.00 0.44
N VAL B 136 -7.40 15.66 0.17
CA VAL B 136 -8.41 15.15 -0.76
C VAL B 136 -7.77 14.75 -2.11
N SER B 137 -6.90 15.59 -2.66
CA SER B 137 -6.20 15.31 -3.92
C SER B 137 -5.33 14.05 -3.89
N VAL B 138 -4.57 13.86 -2.80
CA VAL B 138 -3.79 12.63 -2.60
C VAL B 138 -4.68 11.40 -2.77
N LEU B 139 -5.78 11.35 -2.02
CA LEU B 139 -6.70 10.22 -2.12
C LEU B 139 -7.23 10.06 -3.54
N HIS B 140 -7.66 11.16 -4.16
CA HIS B 140 -8.10 11.13 -5.58
C HIS B 140 -7.03 10.51 -6.49
N ARG B 141 -5.76 10.86 -6.26
CA ARG B 141 -4.66 10.30 -7.03
C ARG B 141 -4.51 8.79 -6.78
N ARG B 142 -4.69 8.39 -5.53
CA ARG B 142 -4.57 6.98 -5.16
C ARG B 142 -5.71 6.11 -5.70
N ILE B 143 -6.91 6.66 -5.74
CA ILE B 143 -8.08 6.02 -6.36
C ILE B 143 -7.82 5.80 -7.86
N LYS B 144 -7.24 6.80 -8.51
CA LYS B 144 -6.92 6.72 -9.93
C LYS B 144 -5.83 5.68 -10.22
N LYS B 145 -4.72 5.73 -9.46
CA LYS B 145 -3.63 4.76 -9.60
C LYS B 145 -4.04 3.31 -9.32
N ALA B 146 -4.95 3.11 -8.35
CA ALA B 146 -5.47 1.79 -8.03
C ALA B 146 -6.36 1.23 -9.14
N GLY B 147 -6.98 2.12 -9.92
CA GLY B 147 -7.64 1.72 -11.16
C GLY B 147 -8.99 1.03 -11.09
N SER B 148 -9.55 0.78 -9.92
CA SER B 148 -10.90 0.23 -9.84
C SER B 148 -11.93 1.15 -9.17
N GLY B 149 -11.69 2.46 -9.26
CA GLY B 149 -12.60 3.48 -8.72
C GLY B 149 -12.71 3.44 -7.20
N ASN B 150 -11.57 3.25 -6.55
CA ASN B 150 -11.53 2.64 -5.23
C ASN B 150 -10.12 2.74 -4.60
N TYR B 151 -10.01 3.16 -3.33
CA TYR B 151 -8.73 3.05 -2.60
C TYR B 151 -8.85 2.48 -1.20
N SER B 152 -8.05 1.46 -0.90
CA SER B 152 -8.01 0.86 0.42
C SER B 152 -6.63 0.99 1.00
N GLY B 153 -6.59 1.16 2.31
CA GLY B 153 -5.33 1.25 3.02
C GLY B 153 -5.46 1.84 4.41
N ASP B 154 -4.40 1.62 5.20
CA ASP B 154 -4.22 2.24 6.49
C ASP B 154 -3.67 3.62 6.20
N ILE B 155 -4.42 4.66 6.56
CA ILE B 155 -4.00 6.03 6.29
C ILE B 155 -3.45 6.78 7.51
N SER B 156 -3.09 6.03 8.57
CA SER B 156 -2.52 6.65 9.77
C SER B 156 -1.33 7.57 9.48
N ASP B 157 -0.34 7.07 8.73
CA ASP B 157 0.86 7.87 8.41
C ASP B 157 0.52 9.14 7.63
N ASP B 158 -0.39 9.02 6.67
CA ASP B 158 -0.92 10.15 5.92
C ASP B 158 -1.61 11.14 6.82
N LEU B 159 -2.32 10.62 7.81
CA LEU B 159 -3.03 11.48 8.74
C LEU B 159 -2.03 12.24 9.62
N PHE B 160 -0.97 11.56 10.07
CA PHE B 160 0.14 12.24 10.79
C PHE B 160 0.75 13.37 9.94
N ARG B 161 1.06 13.08 8.67
CA ARG B 161 1.56 14.12 7.77
C ARG B 161 0.55 15.28 7.60
N PHE B 162 -0.73 14.94 7.50
CA PHE B 162 -1.78 15.96 7.41
C PHE B 162 -1.74 16.85 8.65
N ALA B 163 -1.77 16.24 9.83
CA ALA B 163 -1.75 17.01 11.06
C ALA B 163 -0.55 17.97 11.12
N PHE B 164 0.61 17.48 10.69
CA PHE B 164 1.85 18.26 10.66
C PHE B 164 1.84 19.44 9.67
N GLU B 165 1.40 19.23 8.43
CA GLU B 165 1.16 20.32 7.47
C GLU B 165 0.27 21.39 8.08
N SER B 166 -0.85 20.96 8.67
CA SER B 166 -1.85 21.87 9.22
C SER B 166 -1.27 22.75 10.32
N ILE B 167 -0.74 22.13 11.38
CA ILE B 167 -0.16 22.92 12.48
C ILE B 167 0.99 23.84 12.02
N THR B 168 1.85 23.35 11.13
CA THR B 168 2.98 24.13 10.63
C THR B 168 2.49 25.24 9.73
N ASN B 169 1.40 25.00 9.02
CA ASN B 169 0.85 26.01 8.14
C ASN B 169 0.30 27.20 8.92
N VAL B 170 -0.39 26.95 10.04
CA VAL B 170 -0.92 28.07 10.84
C VAL B 170 0.16 28.81 11.64
N ILE B 171 1.21 28.09 12.05
CA ILE B 171 2.30 28.68 12.82
C ILE B 171 3.26 29.47 11.90
N PHE B 172 3.69 28.84 10.81
CA PHE B 172 4.70 29.41 9.96
C PHE B 172 4.16 30.09 8.70
N GLY B 173 2.89 29.89 8.38
CA GLY B 173 2.33 30.38 7.11
C GLY B 173 3.08 29.89 5.88
N GLU B 174 3.68 28.70 5.96
CA GLU B 174 4.43 28.12 4.85
C GLU B 174 4.10 26.65 4.74
N ARG B 175 4.07 26.15 3.51
CA ARG B 175 3.79 24.74 3.28
C ARG B 175 5.07 23.94 3.41
N GLN B 176 5.03 22.84 4.16
CA GLN B 176 6.21 21.99 4.37
C GLN B 176 6.31 20.91 3.30
N GLY B 177 5.24 20.75 2.52
CA GLY B 177 5.18 19.80 1.42
C GLY B 177 5.03 18.34 1.83
N MET B 178 4.38 18.07 2.97
CA MET B 178 4.26 16.70 3.45
C MET B 178 3.11 15.88 2.81
N LEU B 179 2.28 16.55 2.01
CA LEU B 179 1.22 15.84 1.27
C LEU B 179 1.59 15.57 -0.19
N GLU B 180 2.83 15.91 -0.56
CA GLU B 180 3.34 15.58 -1.89
C GLU B 180 4.00 14.22 -1.97
N GLU B 181 4.25 13.74 -3.18
CA GLU B 181 4.69 12.37 -3.40
C GLU B 181 6.08 12.10 -2.84
N VAL B 182 6.99 13.06 -3.00
CA VAL B 182 8.31 12.98 -2.42
C VAL B 182 8.37 13.97 -1.26
N VAL B 183 8.71 13.45 -0.10
CA VAL B 183 8.50 14.13 1.18
C VAL B 183 9.83 14.54 1.80
N ASN B 184 9.81 15.63 2.57
CA ASN B 184 10.96 16.03 3.35
C ASN B 184 11.26 14.97 4.43
N PRO B 185 12.35 14.20 4.26
CA PRO B 185 12.62 13.09 5.19
C PRO B 185 12.99 13.55 6.61
N GLU B 186 13.55 14.75 6.72
CA GLU B 186 13.82 15.35 8.02
C GLU B 186 12.54 15.80 8.72
N ALA B 187 11.53 16.20 7.96
CA ALA B 187 10.23 16.53 8.57
C ALA B 187 9.53 15.26 9.04
N GLN B 188 9.65 14.19 8.26
CA GLN B 188 9.15 12.89 8.68
C GLN B 188 9.81 12.40 9.99
N ARG B 189 11.10 12.70 10.14
CA ARG B 189 11.86 12.29 11.32
C ARG B 189 11.29 12.99 12.55
N PHE B 190 10.85 14.23 12.37
CA PHE B 190 10.19 14.99 13.44
C PHE B 190 8.83 14.36 13.82
N ILE B 191 8.02 14.06 12.80
CA ILE B 191 6.72 13.41 13.00
C ILE B 191 6.89 12.12 13.81
N ASP B 192 7.84 11.29 13.40
CA ASP B 192 8.14 10.01 14.06
C ASP B 192 8.62 10.21 15.49
N ALA B 193 9.43 11.24 15.73
CA ALA B 193 9.92 11.53 17.07
C ALA B 193 8.75 11.80 18.03
N ILE B 194 7.72 12.48 17.54
CA ILE B 194 6.57 12.81 18.38
C ILE B 194 5.87 11.55 18.92
N TYR B 195 5.61 10.60 18.03
CA TYR B 195 5.01 9.34 18.44
C TYR B 195 5.93 8.59 19.42
N GLN B 196 7.24 8.59 19.11
CA GLN B 196 8.24 7.94 19.97
C GLN B 196 8.26 8.53 21.37
N MET B 197 8.21 9.86 21.44
CA MET B 197 8.15 10.57 22.71
C MET B 197 6.95 10.08 23.55
N PHE B 198 5.78 9.96 22.93
CA PHE B 198 4.59 9.49 23.63
C PHE B 198 4.71 8.02 24.04
N HIS B 199 4.98 7.17 23.06
CA HIS B 199 5.13 5.73 23.29
C HIS B 199 6.12 5.45 24.43
N THR B 200 7.33 6.03 24.36
CA THR B 200 8.35 5.80 25.40
C THR B 200 8.04 6.44 26.76
N SER B 201 6.98 7.24 26.85
CA SER B 201 6.62 7.82 28.13
C SER B 201 6.04 6.73 29.04
N VAL B 202 5.33 5.77 28.44
CA VAL B 202 4.46 4.88 29.20
C VAL B 202 5.22 4.08 30.26
N PRO B 203 6.30 3.37 29.86
CA PRO B 203 7.01 2.57 30.87
C PRO B 203 7.53 3.38 32.06
N MET B 204 7.58 4.70 31.95
CA MET B 204 8.14 5.50 33.02
C MET B 204 7.08 6.24 33.84
N LEU B 205 5.81 5.95 33.57
CA LEU B 205 4.71 6.85 33.97
C LEU B 205 4.38 6.98 35.48
N ASN B 206 4.54 5.91 36.25
CA ASN B 206 4.15 5.97 37.66
C ASN B 206 5.33 5.98 38.63
N LEU B 207 6.49 6.38 38.12
CA LEU B 207 7.74 6.26 38.84
C LEU B 207 8.40 7.61 39.04
N PRO B 208 9.04 7.81 40.20
CA PRO B 208 9.84 9.04 40.36
C PRO B 208 11.08 8.95 39.47
N PRO B 209 11.67 10.11 39.10
CA PRO B 209 12.83 10.06 38.20
C PRO B 209 14.00 9.22 38.71
N ASP B 210 14.19 9.15 40.01
CA ASP B 210 15.23 8.30 40.62
C ASP B 210 15.15 6.84 40.24
N LEU B 211 13.93 6.32 40.04
CA LEU B 211 13.74 4.90 39.74
C LEU B 211 13.80 4.59 38.26
N PHE B 212 13.37 5.52 37.42
CA PHE B 212 13.37 5.20 35.99
C PHE B 212 14.72 5.30 35.29
N ARG B 213 15.63 6.12 35.80
CA ARG B 213 17.02 6.10 35.31
C ARG B 213 17.68 4.72 35.48
N LEU B 214 17.06 3.90 36.33
CA LEU B 214 17.66 2.73 36.94
C LEU B 214 16.96 1.42 36.54
N PHE B 215 15.65 1.48 36.32
CA PHE B 215 14.87 0.33 35.85
C PHE B 215 14.31 0.48 34.45
N ARG B 216 14.36 1.69 33.90
CA ARG B 216 13.84 1.97 32.56
C ARG B 216 14.91 2.69 31.77
N THR B 217 16.17 2.42 32.09
CA THR B 217 17.32 3.06 31.45
C THR B 217 17.24 3.13 29.92
N LYS B 218 16.90 2.01 29.28
CA LYS B 218 16.74 1.96 27.83
C LYS B 218 15.58 2.85 27.30
N THR B 219 14.41 2.76 27.94
CA THR B 219 13.25 3.58 27.58
C THR B 219 13.57 5.06 27.70
N TRP B 220 14.23 5.40 28.80
CA TRP B 220 14.60 6.76 29.09
C TRP B 220 15.57 7.31 28.04
N LYS B 221 16.55 6.48 27.68
CA LYS B 221 17.52 6.85 26.69
C LYS B 221 16.78 7.23 25.40
N ASP B 222 15.86 6.37 24.98
CA ASP B 222 15.05 6.55 23.76
C ASP B 222 14.09 7.75 23.82
N HIS B 223 13.53 7.97 25.01
CA HIS B 223 12.68 9.09 25.26
C HIS B 223 13.44 10.41 25.10
N VAL B 224 14.65 10.46 25.66
CA VAL B 224 15.60 11.58 25.48
C VAL B 224 15.93 11.80 23.99
N ALA B 225 16.23 10.73 23.27
CA ALA B 225 16.52 10.87 21.84
C ALA B 225 15.33 11.50 21.10
N ALA B 226 14.12 11.09 21.48
CA ALA B 226 12.89 11.57 20.82
C ALA B 226 12.62 13.06 21.06
N TRP B 227 12.73 13.52 22.31
CA TRP B 227 12.64 14.95 22.61
C TRP B 227 13.76 15.78 21.93
N ASP B 228 14.98 15.22 21.85
CA ASP B 228 16.09 15.90 21.18
C ASP B 228 15.78 16.19 19.71
N VAL B 229 15.17 15.22 19.03
CA VAL B 229 14.73 15.45 17.65
C VAL B 229 13.69 16.55 17.63
N ILE B 230 12.75 16.52 18.58
CA ILE B 230 11.67 17.52 18.65
C ILE B 230 12.22 18.93 18.84
N PHE B 231 13.21 19.07 19.72
CA PHE B 231 13.79 20.38 20.01
C PHE B 231 14.75 20.91 18.95
N SER B 232 15.58 20.05 18.36
CA SER B 232 16.45 20.49 17.29
C SER B 232 15.63 21.10 16.14
N LYS B 233 14.63 20.33 15.69
CA LYS B 233 13.82 20.68 14.54
C LYS B 233 12.97 21.91 14.77
N ALA B 234 12.36 22.02 15.94
CA ALA B 234 11.54 23.19 16.22
C ALA B 234 12.43 24.44 16.24
N ASP B 235 13.59 24.31 16.88
CA ASP B 235 14.57 25.39 16.97
C ASP B 235 14.97 25.88 15.58
N ILE B 236 15.47 24.97 14.74
CA ILE B 236 15.83 25.26 13.36
C ILE B 236 14.71 26.01 12.60
N TYR B 237 13.47 25.49 12.67
CA TYR B 237 12.31 26.17 12.07
C TYR B 237 12.08 27.60 12.58
N THR B 238 12.06 27.77 13.89
CA THR B 238 11.85 29.09 14.52
C THR B 238 12.95 30.06 14.12
N GLN B 239 14.20 29.62 14.19
CA GLN B 239 15.35 30.47 13.93
C GLN B 239 15.48 30.89 12.47
N ASN B 240 15.34 29.95 11.54
CA ASN B 240 15.24 30.28 10.12
C ASN B 240 14.15 31.33 9.87
N PHE B 241 12.95 31.07 10.37
CA PHE B 241 11.84 31.99 10.20
C PHE B 241 12.21 33.39 10.68
N TYR B 242 12.89 33.44 11.83
CA TYR B 242 13.29 34.68 12.47
C TYR B 242 14.22 35.48 11.55
N TRP B 243 15.18 34.80 10.95
CA TRP B 243 16.17 35.45 10.14
C TRP B 243 15.63 35.85 8.78
N GLU B 244 14.77 35.01 8.19
CA GLU B 244 14.10 35.32 6.92
C GLU B 244 13.08 36.44 7.03
N LEU B 245 12.52 36.62 8.22
CA LEU B 245 11.68 37.78 8.50
C LEU B 245 12.49 39.04 8.25
N ARG B 246 13.77 38.99 8.64
CA ARG B 246 14.68 40.13 8.55
C ARG B 246 15.28 40.29 7.15
N GLN B 247 15.40 39.19 6.40
CA GLN B 247 15.87 39.22 5.01
C GLN B 247 14.80 39.78 4.06
N LYS B 248 13.58 39.27 4.17
CA LYS B 248 12.44 39.70 3.34
C LYS B 248 11.82 40.98 3.87
N GLY B 249 12.39 41.44 4.99
CA GLY B 249 11.96 42.60 5.77
C GLY B 249 11.05 43.64 5.14
N SER B 250 9.76 43.33 5.16
CA SER B 250 8.72 44.23 4.71
C SER B 250 7.55 44.16 5.72
N VAL B 251 6.74 45.21 5.77
CA VAL B 251 5.45 45.13 6.45
C VAL B 251 4.54 44.30 5.54
N HIS B 252 3.68 43.47 6.16
CA HIS B 252 2.74 42.65 5.41
C HIS B 252 1.32 42.91 5.88
N HIS B 253 0.42 43.04 4.92
CA HIS B 253 -1.02 43.23 5.21
C HIS B 253 -1.78 41.92 5.14
N ASP B 254 -1.30 40.98 4.31
CA ASP B 254 -1.84 39.62 4.29
C ASP B 254 -1.39 38.91 5.56
N TYR B 255 -2.28 38.11 6.13
CA TYR B 255 -1.95 37.37 7.36
C TYR B 255 -0.85 36.34 7.12
N ARG B 256 0.15 36.34 7.99
CA ARG B 256 1.35 35.54 7.74
C ARG B 256 1.48 34.33 8.66
N GLY B 257 0.68 34.26 9.73
CA GLY B 257 0.75 33.12 10.66
C GLY B 257 0.94 33.51 12.10
N ILE B 258 0.94 32.51 13.00
CA ILE B 258 1.03 32.77 14.44
C ILE B 258 2.41 33.33 14.86
N LEU B 259 3.48 32.70 14.40
CA LEU B 259 4.84 33.10 14.80
C LEU B 259 5.14 34.53 14.40
N TYR B 260 4.73 34.88 13.19
CA TYR B 260 4.82 36.25 12.68
C TYR B 260 4.17 37.23 13.64
N ARG B 261 2.96 36.92 14.10
CA ARG B 261 2.23 37.78 15.01
C ARG B 261 2.93 37.90 16.38
N LEU B 262 3.49 36.80 16.85
CA LEU B 262 4.15 36.79 18.16
C LEU B 262 5.49 37.54 18.12
N LEU B 263 6.32 37.24 17.12
CA LEU B 263 7.60 37.94 16.95
C LEU B 263 7.41 39.41 16.64
N GLY B 264 6.31 39.74 15.94
CA GLY B 264 6.01 41.11 15.57
C GLY B 264 5.42 41.95 16.68
N ASP B 265 4.54 41.37 17.49
CA ASP B 265 3.81 42.16 18.49
C ASP B 265 3.33 41.39 19.73
N SER B 266 4.26 40.76 20.43
CA SER B 266 3.90 39.97 21.61
C SER B 266 4.57 40.51 22.86
N LYS B 267 3.93 40.33 23.99
CA LYS B 267 4.57 40.62 25.27
C LYS B 267 5.64 39.58 25.59
N MET B 268 5.69 38.50 24.83
CA MET B 268 6.62 37.39 25.07
C MET B 268 8.04 37.69 24.58
N SER B 269 9.02 37.13 25.26
CA SER B 269 10.39 37.13 24.79
C SER B 269 10.55 36.02 23.75
N PHE B 270 11.65 36.08 22.99
CA PHE B 270 11.94 35.06 21.98
C PHE B 270 12.07 33.66 22.60
N GLU B 271 12.77 33.59 23.73
CA GLU B 271 12.94 32.37 24.51
C GLU B 271 11.60 31.66 24.73
N ASP B 272 10.63 32.41 25.25
CA ASP B 272 9.30 31.87 25.50
C ASP B 272 8.53 31.50 24.22
N ILE B 273 8.59 32.37 23.22
CA ILE B 273 7.94 32.11 21.95
C ILE B 273 8.40 30.78 21.38
N LYS B 274 9.71 30.60 21.31
CA LYS B 274 10.28 29.37 20.76
C LYS B 274 9.94 28.13 21.62
N ALA B 275 9.84 28.32 22.93
CA ALA B 275 9.45 27.21 23.80
C ALA B 275 8.02 26.74 23.45
N ASN B 276 7.13 27.73 23.27
CA ASN B 276 5.74 27.46 22.92
C ASN B 276 5.50 26.97 21.49
N VAL B 277 6.28 27.46 20.54
CA VAL B 277 6.23 26.93 19.18
C VAL B 277 6.52 25.44 19.20
N THR B 278 7.57 25.05 19.93
CA THR B 278 7.93 23.64 20.09
C THR B 278 6.77 22.78 20.62
N GLU B 279 6.10 23.26 21.66
CA GLU B 279 5.01 22.51 22.28
C GLU B 279 3.77 22.46 21.39
N MET B 280 3.46 23.59 20.74
CA MET B 280 2.34 23.65 19.81
C MET B 280 2.56 22.71 18.65
N LEU B 281 3.80 22.61 18.17
CA LEU B 281 4.14 21.72 17.06
C LEU B 281 4.03 20.28 17.47
N ALA B 282 4.53 19.96 18.66
CA ALA B 282 4.47 18.59 19.12
C ALA B 282 3.05 18.19 19.48
N GLY B 283 2.28 19.16 19.99
CA GLY B 283 0.90 18.90 20.36
C GLY B 283 0.02 18.65 19.15
N GLY B 284 0.39 19.25 18.03
CA GLY B 284 -0.44 19.25 16.85
C GLY B 284 -0.55 17.96 16.04
N VAL B 285 0.45 17.09 16.16
CA VAL B 285 0.62 15.99 15.19
C VAL B 285 -0.22 14.72 15.49
N ASP B 286 -0.18 14.24 16.74
CA ASP B 286 -0.77 12.94 17.05
C ASP B 286 -2.21 13.01 17.56
N THR B 287 -2.63 14.20 17.98
CA THR B 287 -3.93 14.41 18.59
C THR B 287 -5.03 14.46 17.53
N THR B 288 -4.96 15.47 16.69
CA THR B 288 -5.84 15.68 15.57
C THR B 288 -5.90 14.49 14.59
N SER B 289 -4.74 13.91 14.26
CA SER B 289 -4.68 12.75 13.37
C SER B 289 -5.45 11.52 13.89
N MET B 290 -5.28 11.20 15.18
CA MET B 290 -5.95 10.03 15.75
C MET B 290 -7.46 10.22 15.85
N THR B 291 -7.87 11.46 16.18
CA THR B 291 -9.28 11.81 16.38
C THR B 291 -10.06 11.73 15.07
N LEU B 292 -9.47 12.25 13.99
CA LEU B 292 -10.04 12.14 12.66
C LEU B 292 -10.12 10.68 12.20
N GLN B 293 -9.10 9.89 12.52
CA GLN B 293 -9.11 8.49 12.15
C GLN B 293 -10.27 7.78 12.85
N TRP B 294 -10.50 8.13 14.11
CA TRP B 294 -11.63 7.55 14.86
C TRP B 294 -12.95 8.02 14.27
N HIS B 295 -13.02 9.30 13.94
CA HIS B 295 -14.21 9.85 13.35
C HIS B 295 -14.52 9.09 12.07
N LEU B 296 -13.51 8.91 11.22
CA LEU B 296 -13.68 8.19 9.96
C LEU B 296 -14.19 6.78 10.23
N TYR B 297 -13.57 6.13 11.20
CA TYR B 297 -13.98 4.81 11.66
C TYR B 297 -15.44 4.80 12.15
N GLU B 298 -15.82 5.80 12.94
CA GLU B 298 -17.22 5.90 13.38
C GLU B 298 -18.23 6.12 12.26
N MET B 299 -17.83 6.85 11.23
CA MET B 299 -18.70 7.09 10.06
C MET B 299 -18.82 5.84 9.22
N ALA B 300 -17.76 5.03 9.22
CA ALA B 300 -17.80 3.81 8.44
C ALA B 300 -18.62 2.74 9.16
N ARG B 301 -18.62 2.83 10.48
CA ARG B 301 -19.34 1.90 11.35
C ARG B 301 -20.84 2.21 11.39
N ASN B 302 -21.20 3.45 11.10
CA ASN B 302 -22.59 3.90 11.12
C ASN B 302 -22.94 4.64 9.84
N LEU B 303 -23.23 3.86 8.79
CA LEU B 303 -23.45 4.42 7.45
C LEU B 303 -24.60 5.42 7.33
N LYS B 304 -25.64 5.26 8.15
CA LYS B 304 -26.77 6.20 8.18
C LYS B 304 -26.35 7.57 8.73
N VAL B 305 -25.50 7.54 9.75
CA VAL B 305 -24.94 8.77 10.30
C VAL B 305 -24.03 9.47 9.29
N GLN B 306 -23.19 8.71 8.59
CA GLN B 306 -22.35 9.28 7.54
C GLN B 306 -23.20 10.02 6.48
N ASP B 307 -24.30 9.39 6.06
CA ASP B 307 -25.28 10.02 5.13
C ASP B 307 -25.83 11.36 5.65
N MET B 308 -26.30 11.37 6.90
CA MET B 308 -26.83 12.58 7.50
C MET B 308 -25.76 13.70 7.53
N LEU B 309 -24.53 13.32 7.85
CA LEU B 309 -23.44 14.30 7.92
C LEU B 309 -23.09 14.86 6.55
N ARG B 310 -23.10 14.01 5.53
CA ARG B 310 -22.84 14.46 4.17
C ARG B 310 -23.96 15.39 3.68
N ALA B 311 -25.22 15.00 3.90
CA ALA B 311 -26.36 15.83 3.55
C ALA B 311 -26.25 17.22 4.15
N GLU B 312 -25.83 17.30 5.41
CA GLU B 312 -25.71 18.60 6.04
C GLU B 312 -24.63 19.45 5.39
N VAL B 313 -23.48 18.83 5.08
CA VAL B 313 -22.35 19.56 4.50
C VAL B 313 -22.66 20.09 3.10
N LEU B 314 -23.31 19.27 2.27
CA LEU B 314 -23.76 19.68 0.93
C LEU B 314 -24.73 20.85 0.99
N ALA B 315 -25.70 20.78 1.91
CA ALA B 315 -26.65 21.86 2.12
C ALA B 315 -25.93 23.14 2.51
N ALA B 316 -24.95 22.99 3.40
CA ALA B 316 -24.25 24.14 3.94
C ALA B 316 -23.32 24.80 2.91
N ARG B 317 -22.66 23.99 2.09
CA ARG B 317 -21.80 24.50 1.03
C ARG B 317 -22.64 25.34 0.05
N HIS B 318 -23.85 24.87 -0.21
CA HIS B 318 -24.80 25.56 -1.08
C HIS B 318 -25.38 26.81 -0.41
N GLN B 319 -25.88 26.65 0.81
CA GLN B 319 -26.45 27.77 1.56
C GLN B 319 -25.41 28.88 1.73
N ALA B 320 -24.13 28.52 1.72
CA ALA B 320 -23.05 29.48 1.99
C ALA B 320 -22.42 29.99 0.71
N GLN B 321 -23.03 29.62 -0.42
CA GLN B 321 -22.47 29.87 -1.75
C GLN B 321 -20.96 29.62 -1.81
N GLY B 322 -20.50 28.61 -1.08
CA GLY B 322 -19.10 28.19 -1.14
C GLY B 322 -18.14 28.75 -0.10
N ASP B 323 -18.55 29.82 0.60
CA ASP B 323 -17.68 30.49 1.60
C ASP B 323 -17.43 29.64 2.86
N MET B 324 -16.16 29.29 3.13
CA MET B 324 -15.82 28.42 4.27
C MET B 324 -16.22 29.00 5.63
N ALA B 325 -15.96 30.28 5.84
CA ALA B 325 -16.32 30.95 7.09
C ALA B 325 -17.81 30.80 7.41
N THR B 326 -18.65 31.09 6.41
CA THR B 326 -20.10 30.89 6.48
C THR B 326 -20.54 29.42 6.72
N MET B 327 -19.96 28.48 5.96
CA MET B 327 -20.22 27.04 6.14
C MET B 327 -20.11 26.55 7.58
N LEU B 328 -19.08 27.01 8.28
CA LEU B 328 -18.76 26.51 9.61
C LEU B 328 -19.83 26.92 10.62
N GLN B 329 -20.72 27.83 10.21
CA GLN B 329 -21.87 28.20 11.03
C GLN B 329 -23.14 27.43 10.58
N LEU B 330 -22.97 26.54 9.62
CA LEU B 330 -24.11 25.78 9.10
C LEU B 330 -23.91 24.27 9.17
N VAL B 331 -22.99 23.80 10.01
CA VAL B 331 -22.78 22.36 10.18
C VAL B 331 -22.90 21.89 11.66
N PRO B 332 -24.06 22.15 12.31
CA PRO B 332 -24.16 21.79 13.72
C PRO B 332 -24.03 20.29 14.00
N LEU B 333 -24.53 19.45 13.10
CA LEU B 333 -24.40 18.00 13.28
C LEU B 333 -22.95 17.51 13.13
N LEU B 334 -22.16 18.16 12.25
CA LEU B 334 -20.76 17.80 12.10
C LEU B 334 -20.01 18.13 13.40
N LYS B 335 -20.28 19.32 13.93
CA LYS B 335 -19.63 19.79 15.16
C LYS B 335 -19.95 18.89 16.35
N ALA B 336 -21.17 18.34 16.34
CA ALA B 336 -21.60 17.41 17.37
C ALA B 336 -20.93 16.07 17.16
N SER B 337 -20.69 15.69 15.93
CA SER B 337 -20.07 14.40 15.66
C SER B 337 -18.62 14.40 16.16
N ILE B 338 -18.00 15.57 16.16
CA ILE B 338 -16.63 15.72 16.65
C ILE B 338 -16.63 15.57 18.17
N LYS B 339 -17.60 16.21 18.84
CA LYS B 339 -17.85 15.98 20.25
C LYS B 339 -18.18 14.51 20.52
N GLU B 340 -19.02 13.90 19.69
CA GLU B 340 -19.33 12.49 19.86
C GLU B 340 -18.11 11.58 19.70
N THR B 341 -17.17 11.93 18.81
CA THR B 341 -15.97 11.11 18.60
C THR B 341 -15.07 11.16 19.84
N LEU B 342 -14.88 12.37 20.37
CA LEU B 342 -14.10 12.61 21.58
C LEU B 342 -14.69 12.02 22.86
N ARG B 343 -15.98 11.70 22.85
CA ARG B 343 -16.64 11.04 23.98
C ARG B 343 -16.23 9.56 24.02
N LEU B 344 -16.34 8.89 22.88
CA LEU B 344 -15.97 7.49 22.77
C LEU B 344 -14.46 7.27 22.70
N HIS B 345 -13.73 8.25 22.17
CA HIS B 345 -12.31 8.11 21.93
C HIS B 345 -11.57 9.39 22.35
N PRO B 346 -11.52 9.68 23.66
CA PRO B 346 -10.73 10.84 24.09
C PRO B 346 -9.23 10.66 23.80
N ILE B 347 -8.54 11.78 23.61
CA ILE B 347 -7.09 11.76 23.52
C ILE B 347 -6.52 11.57 24.93
N SER B 348 -7.18 12.20 25.89
CA SER B 348 -6.77 12.33 27.29
C SER B 348 -7.59 11.38 28.20
N VAL B 349 -6.98 10.33 28.76
CA VAL B 349 -7.74 9.40 29.60
C VAL B 349 -8.48 10.11 30.71
N THR B 350 -7.84 11.13 31.26
CA THR B 350 -8.38 11.88 32.37
C THR B 350 -8.12 13.35 32.17
N LEU B 351 -8.80 14.14 33.00
CA LEU B 351 -8.43 15.50 33.31
C LEU B 351 -7.98 15.42 34.75
N GLN B 352 -7.11 16.33 35.17
CA GLN B 352 -6.68 16.40 36.56
C GLN B 352 -6.50 17.83 37.04
N ARG B 353 -6.80 18.07 38.31
CA ARG B 353 -6.50 19.31 38.96
C ARG B 353 -5.96 19.03 40.37
N TYR B 354 -4.97 19.82 40.81
CA TYR B 354 -4.61 19.81 42.22
C TYR B 354 -5.50 20.80 42.92
N LEU B 355 -6.13 20.37 44.01
CA LEU B 355 -7.06 21.23 44.76
C LEU B 355 -6.31 22.38 45.40
N VAL B 356 -6.87 23.58 45.28
CA VAL B 356 -6.31 24.76 45.93
C VAL B 356 -6.88 24.87 47.34
N ASN B 357 -8.18 24.61 47.48
CA ASN B 357 -8.86 24.54 48.78
C ASN B 357 -9.49 23.17 49.00
N ASP B 358 -9.70 22.84 50.27
CA ASP B 358 -10.50 21.68 50.67
C ASP B 358 -11.79 21.65 49.86
N LEU B 359 -12.24 20.44 49.54
CA LEU B 359 -13.47 20.27 48.77
C LEU B 359 -14.25 19.06 49.23
N VAL B 360 -15.57 19.16 49.22
CA VAL B 360 -16.42 18.02 49.52
C VAL B 360 -17.04 17.43 48.26
N LEU B 361 -16.70 16.18 47.98
CA LEU B 361 -17.33 15.40 46.92
C LEU B 361 -17.90 14.12 47.51
N ARG B 362 -19.17 13.84 47.21
CA ARG B 362 -19.90 12.67 47.76
C ARG B 362 -19.78 12.48 49.27
N ASP B 363 -19.89 13.58 50.02
CA ASP B 363 -19.70 13.55 51.49
C ASP B 363 -18.36 12.98 51.94
N TYR B 364 -17.32 13.30 51.18
CA TYR B 364 -15.96 12.97 51.55
C TYR B 364 -15.15 14.26 51.52
N MET B 365 -14.39 14.49 52.57
CA MET B 365 -13.49 15.63 52.60
C MET B 365 -12.23 15.34 51.79
N ILE B 366 -11.97 16.17 50.79
CA ILE B 366 -10.72 16.06 50.08
C ILE B 366 -9.81 17.26 50.37
N PRO B 367 -8.67 17.00 51.03
CA PRO B 367 -7.73 18.03 51.43
C PRO B 367 -7.18 18.82 50.26
N ALA B 368 -6.98 20.12 50.48
CA ALA B 368 -6.25 20.97 49.55
C ALA B 368 -4.91 20.34 49.20
N LYS B 369 -4.53 20.52 47.93
CA LYS B 369 -3.29 19.98 47.34
C LYS B 369 -3.43 18.51 46.90
N THR B 370 -4.62 17.92 47.06
CA THR B 370 -4.87 16.58 46.52
C THR B 370 -5.03 16.64 44.99
N LEU B 371 -4.54 15.61 44.33
CA LEU B 371 -4.74 15.44 42.92
C LEU B 371 -6.09 14.75 42.73
N VAL B 372 -6.96 15.39 41.94
CA VAL B 372 -8.27 14.85 41.59
C VAL B 372 -8.33 14.62 40.09
N GLN B 373 -8.76 13.43 39.69
CA GLN B 373 -8.79 13.06 38.28
C GLN B 373 -10.19 12.72 37.81
N VAL B 374 -10.58 13.30 36.68
CA VAL B 374 -11.86 13.00 36.07
C VAL B 374 -11.63 11.93 35.02
N ALA B 375 -12.21 10.74 35.22
CA ALA B 375 -12.01 9.65 34.29
C ALA B 375 -12.85 9.81 33.02
N ILE B 376 -12.36 10.71 32.16
CA ILE B 376 -13.03 11.07 30.91
C ILE B 376 -13.39 9.86 30.05
N TYR B 377 -12.46 8.91 29.92
CA TYR B 377 -12.73 7.73 29.12
C TYR B 377 -13.87 6.90 29.71
N ALA B 378 -13.84 6.69 31.03
CA ALA B 378 -14.82 5.84 31.68
C ALA B 378 -16.19 6.50 31.69
N LEU B 379 -16.19 7.82 31.92
CA LEU B 379 -17.37 8.64 31.77
C LEU B 379 -18.10 8.37 30.44
N GLY B 380 -17.41 8.49 29.33
CA GLY B 380 -18.00 8.30 28.01
C GLY B 380 -18.52 6.91 27.70
N ARG B 381 -18.09 5.92 28.46
CA ARG B 381 -18.57 4.54 28.23
C ARG B 381 -19.63 4.16 29.24
N GLU B 382 -19.88 5.05 30.19
CA GLU B 382 -20.77 4.81 31.32
C GLU B 382 -22.26 4.99 30.95
N PRO B 383 -23.03 3.88 30.97
CA PRO B 383 -24.44 3.94 30.53
C PRO B 383 -25.38 4.72 31.45
N THR B 384 -24.92 5.10 32.64
CA THR B 384 -25.73 5.96 33.52
C THR B 384 -25.54 7.43 33.23
N PHE B 385 -24.55 7.77 32.40
CA PHE B 385 -24.34 9.19 32.05
C PHE B 385 -24.61 9.48 30.57
N PHE B 386 -24.62 8.44 29.75
CA PHE B 386 -24.99 8.61 28.36
C PHE B 386 -25.93 7.51 27.96
N PHE B 387 -27.05 7.89 27.34
CA PHE B 387 -27.96 6.92 26.79
C PHE B 387 -27.24 6.14 25.71
N ASP B 388 -27.33 4.80 25.78
CA ASP B 388 -26.73 3.89 24.80
C ASP B 388 -25.29 4.29 24.42
N PRO B 389 -24.38 4.32 25.43
CA PRO B 389 -23.05 4.95 25.26
C PRO B 389 -22.17 4.34 24.14
N GLU B 390 -22.43 3.08 23.80
CA GLU B 390 -21.73 2.40 22.71
C GLU B 390 -22.23 2.79 21.32
N ASN B 391 -23.23 3.68 21.25
CA ASN B 391 -23.77 4.08 19.97
C ASN B 391 -23.18 5.42 19.54
N PHE B 392 -22.74 5.49 18.29
CA PHE B 392 -22.25 6.74 17.77
C PHE B 392 -23.45 7.60 17.36
N ASP B 393 -23.85 8.52 18.23
CA ASP B 393 -25.02 9.37 17.99
C ASP B 393 -24.79 10.86 18.24
N PRO B 394 -24.43 11.62 17.19
CA PRO B 394 -24.17 13.05 17.27
C PRO B 394 -25.37 13.90 17.71
N THR B 395 -26.59 13.44 17.45
CA THR B 395 -27.79 14.20 17.81
C THR B 395 -27.91 14.38 19.32
N ARG B 396 -27.26 13.48 20.05
CA ARG B 396 -27.11 13.53 21.50
C ARG B 396 -26.72 14.95 22.00
N TRP B 397 -25.91 15.67 21.23
CA TRP B 397 -25.35 16.96 21.63
C TRP B 397 -26.22 18.16 21.24
N LEU B 398 -27.26 17.88 20.45
CA LEU B 398 -28.21 18.89 19.99
C LEU B 398 -29.44 18.93 20.89
N SER B 399 -29.64 17.86 21.66
CA SER B 399 -30.80 17.66 22.53
C SER B 399 -31.43 18.91 23.17
N LYS B 400 -32.75 18.90 23.28
CA LYS B 400 -33.53 19.90 24.03
C LYS B 400 -33.12 19.86 25.51
N ASP B 401 -33.04 18.64 26.04
CA ASP B 401 -32.76 18.36 27.44
C ASP B 401 -31.32 18.73 27.81
N LYS B 402 -31.18 19.81 28.56
CA LYS B 402 -29.85 20.31 28.93
C LYS B 402 -29.29 19.72 30.24
N ASN B 403 -29.90 18.64 30.73
CA ASN B 403 -29.29 17.79 31.75
C ASN B 403 -28.38 16.83 31.02
N ILE B 404 -28.80 16.48 29.81
CA ILE B 404 -28.18 15.42 29.02
C ILE B 404 -26.75 15.74 28.58
N THR B 405 -26.41 17.01 28.41
CA THR B 405 -25.05 17.37 28.03
C THR B 405 -24.29 18.15 29.12
N TYR B 406 -24.84 18.14 30.33
CA TYR B 406 -24.21 18.83 31.46
C TYR B 406 -22.84 18.24 31.82
N PHE B 407 -21.80 19.06 31.72
CA PHE B 407 -20.40 18.64 31.89
C PHE B 407 -20.04 17.28 31.25
N ARG B 408 -20.37 17.13 29.96
CA ARG B 408 -20.04 15.91 29.21
C ARG B 408 -19.01 16.18 28.12
N ASN B 409 -18.89 17.44 27.71
CA ASN B 409 -18.01 17.82 26.60
C ASN B 409 -16.61 18.19 27.14
N LEU B 410 -15.84 17.17 27.45
CA LEU B 410 -14.65 17.34 28.26
C LEU B 410 -13.33 17.00 27.55
N GLY B 411 -13.44 16.51 26.32
CA GLY B 411 -12.28 16.10 25.53
C GLY B 411 -11.16 17.12 25.41
N PHE B 412 -11.50 18.42 25.40
CA PHE B 412 -10.49 19.48 25.40
C PHE B 412 -10.30 20.13 26.77
N GLY B 413 -10.83 19.51 27.83
CA GLY B 413 -10.67 20.09 29.17
C GLY B 413 -11.59 21.27 29.44
N TRP B 414 -11.27 22.05 30.46
CA TRP B 414 -12.19 23.06 30.98
C TRP B 414 -11.43 24.29 31.42
N GLY B 415 -12.08 25.45 31.31
CA GLY B 415 -11.65 26.65 31.98
C GLY B 415 -10.44 27.28 31.33
N VAL B 416 -9.73 28.10 32.11
CA VAL B 416 -8.62 28.89 31.58
C VAL B 416 -7.43 28.06 31.12
N ARG B 417 -7.31 26.84 31.63
CA ARG B 417 -6.25 25.92 31.21
C ARG B 417 -6.74 24.71 30.37
N GLN B 418 -7.87 24.88 29.70
CA GLN B 418 -8.29 23.94 28.67
C GLN B 418 -7.21 23.82 27.58
N CYS B 419 -7.36 22.86 26.68
CA CYS B 419 -6.47 22.73 25.54
C CYS B 419 -6.17 24.09 24.91
N LEU B 420 -4.88 24.41 24.78
CA LEU B 420 -4.49 25.63 24.07
C LEU B 420 -4.79 25.54 22.57
N GLY B 421 -4.67 24.35 22.00
CA GLY B 421 -4.86 24.14 20.57
C GLY B 421 -6.30 23.79 20.20
N ARG B 422 -7.23 24.12 21.09
CA ARG B 422 -8.62 23.74 20.87
C ARG B 422 -9.22 24.28 19.55
N ARG B 423 -9.09 25.58 19.32
CA ARG B 423 -9.68 26.21 18.15
C ARG B 423 -9.03 25.68 16.89
N ILE B 424 -7.71 25.54 16.94
CA ILE B 424 -6.95 24.99 15.83
C ILE B 424 -7.42 23.57 15.53
N ALA B 425 -7.60 22.77 16.58
CA ALA B 425 -8.03 21.39 16.44
C ALA B 425 -9.46 21.32 15.89
N GLU B 426 -10.37 22.10 16.46
CA GLU B 426 -11.78 22.11 16.01
C GLU B 426 -11.92 22.54 14.56
N LEU B 427 -11.32 23.69 14.23
CA LEU B 427 -11.34 24.21 12.87
C LEU B 427 -10.64 23.25 11.89
N GLU B 428 -9.54 22.64 12.31
CA GLU B 428 -8.81 21.73 11.43
C GLU B 428 -9.62 20.46 11.14
N MET B 429 -10.25 19.89 12.16
CA MET B 429 -11.03 18.68 11.98
C MET B 429 -12.32 18.94 11.21
N THR B 430 -12.99 20.05 11.53
CA THR B 430 -14.24 20.35 10.85
C THR B 430 -14.02 20.58 9.35
N ILE B 431 -12.94 21.29 9.00
CA ILE B 431 -12.60 21.56 7.62
C ILE B 431 -12.17 20.30 6.88
N PHE B 432 -11.39 19.47 7.56
CA PHE B 432 -10.98 18.19 7.00
C PHE B 432 -12.21 17.40 6.62
N LEU B 433 -13.12 17.27 7.58
CA LEU B 433 -14.32 16.46 7.41
C LEU B 433 -15.32 17.05 6.39
N ILE B 434 -15.40 18.38 6.30
CA ILE B 434 -16.19 19.02 5.24
C ILE B 434 -15.68 18.55 3.87
N ASN B 435 -14.37 18.64 3.68
CA ASN B 435 -13.71 18.22 2.43
C ASN B 435 -13.85 16.74 2.11
N MET B 436 -13.63 15.88 3.09
CA MET B 436 -13.76 14.44 2.87
C MET B 436 -15.20 14.05 2.52
N LEU B 437 -16.17 14.59 3.27
CA LEU B 437 -17.59 14.28 3.06
C LEU B 437 -18.12 14.68 1.69
N GLU B 438 -17.63 15.80 1.17
CA GLU B 438 -17.96 16.26 -0.20
C GLU B 438 -17.37 15.35 -1.28
N ASN B 439 -16.31 14.63 -0.94
CA ASN B 439 -15.51 13.91 -1.95
C ASN B 439 -15.55 12.39 -1.93
N PHE B 440 -15.77 11.78 -0.76
CA PHE B 440 -15.68 10.33 -0.63
C PHE B 440 -16.75 9.70 0.26
N ARG B 441 -17.11 8.47 -0.07
CA ARG B 441 -17.76 7.58 0.86
C ARG B 441 -16.66 6.74 1.51
N VAL B 442 -16.77 6.55 2.82
CA VAL B 442 -15.78 5.77 3.55
C VAL B 442 -16.35 4.49 4.19
N GLU B 443 -15.65 3.38 3.98
CA GLU B 443 -16.05 2.06 4.50
C GLU B 443 -14.90 1.32 5.16
N ILE B 444 -15.23 0.29 5.93
CA ILE B 444 -14.24 -0.68 6.43
C ILE B 444 -14.70 -2.09 6.08
N GLN B 445 -13.74 -2.99 5.93
CA GLN B 445 -13.99 -4.42 5.66
C GLN B 445 -14.63 -5.13 6.86
N HIS B 446 -14.16 -6.36 7.13
CA HIS B 446 -14.72 -7.28 8.14
C HIS B 446 -15.55 -6.58 9.23
N LEU B 447 -15.09 -5.38 9.64
CA LEU B 447 -15.84 -4.48 10.52
C LEU B 447 -15.92 -5.04 11.93
N SER B 448 -14.78 -5.49 12.44
CA SER B 448 -14.66 -5.87 13.85
C SER B 448 -14.45 -4.60 14.66
N ASP B 449 -14.78 -4.68 15.95
CA ASP B 449 -14.53 -3.57 16.85
C ASP B 449 -13.05 -3.42 17.15
N VAL B 450 -12.58 -2.17 17.06
CA VAL B 450 -11.18 -1.87 17.32
C VAL B 450 -11.09 -1.28 18.73
N GLY B 451 -10.30 -1.93 19.58
CA GLY B 451 -10.09 -1.49 20.95
C GLY B 451 -9.14 -0.31 21.06
N THR B 452 -8.86 0.08 22.30
CA THR B 452 -8.03 1.25 22.58
C THR B 452 -6.77 0.86 23.33
N THR B 453 -5.64 1.45 22.93
CA THR B 453 -4.41 1.30 23.66
C THR B 453 -3.95 2.65 24.23
N PHE B 454 -3.39 2.62 25.42
CA PHE B 454 -2.86 3.83 26.04
C PHE B 454 -1.37 3.94 25.69
N ASN B 455 -1.06 4.89 24.80
CA ASN B 455 0.31 5.25 24.47
C ASN B 455 0.58 6.66 24.90
N LEU B 456 0.26 6.94 26.16
CA LEU B 456 0.19 8.26 26.74
C LEU B 456 -1.01 9.04 26.20
N ILE B 457 -1.07 9.23 24.89
CA ILE B 457 -2.32 9.58 24.25
C ILE B 457 -3.03 8.26 23.95
N LEU B 458 -4.37 8.27 23.97
CA LEU B 458 -5.12 7.07 23.65
C LEU B 458 -5.18 6.89 22.14
N MET B 459 -4.97 5.64 21.70
CA MET B 459 -4.83 5.31 20.29
C MET B 459 -5.55 4.01 19.98
N PRO B 460 -5.85 3.76 18.69
CA PRO B 460 -6.42 2.45 18.31
C PRO B 460 -5.45 1.33 18.65
N GLU B 461 -5.98 0.18 19.05
CA GLU B 461 -5.18 -0.97 19.48
C GLU B 461 -4.46 -1.61 18.31
N LYS B 462 -5.07 -1.54 17.14
CA LYS B 462 -4.51 -2.13 15.93
C LYS B 462 -4.88 -1.24 14.71
N PRO B 463 -4.24 -1.45 13.56
CA PRO B 463 -4.48 -0.61 12.39
C PRO B 463 -5.91 -0.71 11.85
N ILE B 464 -6.36 0.40 11.27
CA ILE B 464 -7.68 0.50 10.68
C ILE B 464 -7.48 0.79 9.22
N SER B 465 -7.93 -0.10 8.33
CA SER B 465 -7.89 0.22 6.90
C SER B 465 -9.25 0.57 6.32
N PHE B 466 -9.29 1.75 5.71
CA PHE B 466 -10.50 2.27 5.10
C PHE B 466 -10.54 1.96 3.63
N THR B 467 -11.76 1.85 3.09
CA THR B 467 -11.95 1.88 1.65
C THR B 467 -12.64 3.20 1.30
N PHE B 468 -12.04 3.94 0.38
CA PHE B 468 -12.60 5.20 -0.11
C PHE B 468 -13.18 5.07 -1.52
N TRP B 469 -14.41 5.56 -1.70
CA TRP B 469 -15.10 5.60 -3.00
C TRP B 469 -15.39 7.05 -3.35
N PRO B 470 -15.15 7.47 -4.62
CA PRO B 470 -15.46 8.85 -5.03
C PRO B 470 -16.95 9.08 -4.98
N PHE B 471 -17.38 10.14 -4.28
CA PHE B 471 -18.82 10.42 -4.10
C PHE B 471 -19.39 11.17 -5.30
N PHE C 16 13.19 -37.28 -37.17
CA PHE C 16 13.44 -37.99 -35.88
C PHE C 16 14.55 -37.32 -35.07
N GLY C 17 14.26 -37.06 -33.78
CA GLY C 17 15.24 -36.50 -32.85
C GLY C 17 15.71 -35.09 -33.17
N ALA C 18 14.78 -34.27 -33.67
CA ALA C 18 15.09 -32.93 -34.17
C ALA C 18 15.70 -31.98 -33.13
N CYS C 19 15.25 -32.08 -31.87
CA CYS C 19 15.79 -31.27 -30.77
C CYS C 19 17.07 -31.87 -30.16
N GLU C 20 17.34 -33.12 -30.53
CA GLU C 20 18.57 -33.88 -30.16
C GLU C 20 18.68 -34.37 -28.72
N GLY C 21 17.65 -35.11 -28.27
CA GLY C 21 17.65 -35.76 -26.96
C GLY C 21 17.63 -34.81 -25.78
N THR C 22 16.75 -33.82 -25.86
CA THR C 22 16.70 -32.71 -24.90
C THR C 22 15.32 -32.58 -24.24
N LEU C 23 14.34 -33.31 -24.78
CA LEU C 23 12.92 -33.22 -24.38
C LEU C 23 12.32 -31.86 -24.73
N ALA C 24 12.65 -31.37 -25.93
CA ALA C 24 12.19 -30.08 -26.44
C ALA C 24 11.51 -30.19 -27.82
N CYS C 25 10.91 -31.37 -28.08
CA CYS C 25 10.09 -31.65 -29.27
C CYS C 25 9.34 -32.96 -29.04
N SER C 26 8.77 -33.53 -30.09
CA SER C 26 8.16 -34.87 -30.02
C SER C 26 8.32 -35.65 -31.33
N THR C 27 9.55 -35.70 -31.84
CA THR C 27 9.84 -36.38 -33.10
C THR C 27 10.38 -37.80 -32.87
N CYS C 28 10.21 -38.32 -31.66
CA CYS C 28 10.75 -39.62 -31.25
C CYS C 28 9.79 -40.42 -30.37
N THR C 44 7.70 -38.88 -16.81
CA THR C 44 7.77 -37.54 -16.22
C THR C 44 6.56 -36.70 -16.64
N ASP C 45 6.30 -35.62 -15.90
CA ASP C 45 5.21 -34.68 -16.19
C ASP C 45 5.41 -33.94 -17.53
N GLU C 46 6.68 -33.68 -17.86
CA GLU C 46 7.09 -32.97 -19.08
C GLU C 46 6.95 -33.86 -20.32
N GLU C 47 7.17 -35.15 -20.12
CA GLU C 47 6.97 -36.16 -21.17
C GLU C 47 5.49 -36.23 -21.56
N ASN C 48 4.62 -36.19 -20.53
CA ASN C 48 3.17 -36.12 -20.71
C ASN C 48 2.71 -34.97 -21.60
N ASP C 49 3.35 -33.81 -21.45
CA ASP C 49 3.00 -32.60 -22.22
C ASP C 49 3.38 -32.73 -23.70
N MET C 50 4.58 -33.23 -23.95
CA MET C 50 5.07 -33.47 -25.31
C MET C 50 4.24 -34.55 -26.04
N LEU C 51 3.61 -35.42 -25.25
CA LEU C 51 2.82 -36.54 -25.77
C LEU C 51 1.38 -36.17 -26.15
N ASP C 52 0.75 -35.26 -25.39
CA ASP C 52 -0.62 -34.81 -25.67
C ASP C 52 -0.71 -34.04 -27.00
N LEU C 53 0.43 -33.98 -27.70
CA LEU C 53 0.55 -33.41 -29.04
C LEU C 53 1.22 -34.43 -29.96
N ALA C 54 0.42 -35.35 -30.51
CA ALA C 54 0.90 -36.40 -31.40
C ALA C 54 -0.17 -36.77 -32.44
N LEU C 63 8.26 -40.68 -25.14
CA LEU C 63 9.19 -40.35 -26.22
C LEU C 63 10.36 -41.31 -26.29
N GLY C 64 10.92 -41.44 -27.50
CA GLY C 64 12.02 -42.37 -27.76
C GLY C 64 13.34 -42.08 -27.05
N CYS C 65 13.61 -40.81 -26.74
CA CYS C 65 14.89 -40.42 -26.13
C CYS C 65 14.86 -40.41 -24.59
N GLN C 66 13.71 -40.74 -24.01
CA GLN C 66 13.54 -40.79 -22.55
C GLN C 66 13.04 -42.17 -22.09
N PHE D 16 -13.49 37.23 37.26
CA PHE D 16 -14.16 37.70 36.01
C PHE D 16 -13.18 37.76 34.84
N GLY D 17 -13.50 37.03 33.76
CA GLY D 17 -12.75 37.09 32.50
C GLY D 17 -11.28 36.77 32.63
N ALA D 18 -10.97 35.61 33.19
CA ALA D 18 -9.60 35.22 33.50
C ALA D 18 -8.71 35.02 32.26
N CYS D 19 -9.29 34.51 31.18
CA CYS D 19 -8.59 34.33 29.89
C CYS D 19 -8.37 35.66 29.16
N GLU D 20 -9.09 36.68 29.64
CA GLU D 20 -9.01 38.09 29.20
C GLU D 20 -9.62 38.37 27.81
N GLY D 21 -10.85 37.90 27.61
CA GLY D 21 -11.65 38.21 26.43
C GLY D 21 -11.27 37.52 25.13
N THR D 22 -10.72 36.31 25.24
CA THR D 22 -10.29 35.54 24.06
C THR D 22 -11.18 34.32 23.77
N LEU D 23 -12.35 34.28 24.44
CA LEU D 23 -13.29 33.15 24.38
C LEU D 23 -12.63 31.81 24.75
N ALA D 24 -12.05 31.76 25.96
CA ALA D 24 -11.30 30.60 26.45
C ALA D 24 -11.56 30.29 27.93
N CYS D 25 -12.74 30.71 28.41
CA CYS D 25 -13.27 30.41 29.76
C CYS D 25 -14.74 30.83 29.82
N SER D 26 -15.41 30.51 30.93
CA SER D 26 -16.81 30.93 31.11
C SER D 26 -17.01 31.74 32.40
N THR D 27 -16.03 32.60 32.71
CA THR D 27 -16.03 33.41 33.94
C THR D 27 -16.63 34.80 33.72
N CYS D 28 -17.24 35.02 32.55
CA CYS D 28 -17.88 36.30 32.22
C CYS D 28 -19.37 36.14 31.87
N THR D 44 -22.50 32.09 18.51
CA THR D 44 -21.59 31.15 17.85
C THR D 44 -21.65 29.76 18.50
N ASP D 45 -21.32 28.73 17.71
CA ASP D 45 -21.24 27.34 18.20
C ASP D 45 -20.23 27.17 19.34
N GLU D 46 -19.17 27.97 19.30
CA GLU D 46 -18.08 27.93 20.27
C GLU D 46 -18.49 28.49 21.63
N GLU D 47 -19.31 29.54 21.61
CA GLU D 47 -19.86 30.15 22.82
C GLU D 47 -20.84 29.19 23.50
N ASN D 48 -21.53 28.38 22.69
CA ASN D 48 -22.48 27.37 23.18
C ASN D 48 -21.83 26.29 24.04
N ASP D 49 -20.64 25.85 23.64
CA ASP D 49 -19.90 24.82 24.37
C ASP D 49 -19.32 25.37 25.68
N MET D 50 -18.89 26.63 25.64
CA MET D 50 -18.46 27.35 26.84
C MET D 50 -19.61 27.57 27.83
N LEU D 51 -20.83 27.61 27.28
CA LEU D 51 -22.04 27.91 28.03
C LEU D 51 -22.61 26.70 28.78
N ASP D 52 -22.45 25.51 28.21
CA ASP D 52 -22.93 24.25 28.82
C ASP D 52 -22.14 23.87 30.08
N LEU D 53 -21.07 24.60 30.34
CA LEU D 53 -20.25 24.44 31.53
C LEU D 53 -20.11 25.81 32.22
N ALA D 54 -21.25 26.41 32.58
CA ALA D 54 -21.29 27.76 33.16
C ALA D 54 -20.58 27.86 34.51
N LEU D 63 -21.97 34.97 26.65
CA LEU D 63 -20.84 35.29 27.52
C LEU D 63 -20.55 36.78 27.52
N GLY D 64 -20.08 37.28 28.66
CA GLY D 64 -19.89 38.71 28.88
C GLY D 64 -18.96 39.49 27.95
N CYS D 65 -18.14 38.79 27.17
CA CYS D 65 -17.18 39.45 26.28
C CYS D 65 -17.50 39.34 24.78
N GLN D 66 -18.73 38.92 24.46
CA GLN D 66 -19.13 38.71 23.06
C GLN D 66 -20.46 39.40 22.70
CHA HEM E . 9.50 -18.23 -27.50
CHB HEM E . 5.76 -18.05 -24.32
CHC HEM E . 8.95 -17.39 -20.77
CHD HEM E . 12.57 -16.83 -23.96
C1A HEM E . 8.24 -18.26 -26.92
C2A HEM E . 6.99 -18.53 -27.63
C3A HEM E . 5.98 -18.48 -26.77
C4A HEM E . 6.52 -18.18 -25.46
CMA HEM E . 4.49 -18.69 -27.08
CAA HEM E . 6.87 -18.83 -29.14
CBA HEM E . 6.94 -20.34 -29.31
CGA HEM E . 6.63 -20.76 -30.72
O1A HEM E . 6.77 -19.93 -31.66
O2A HEM E . 6.24 -21.95 -30.89
C1B HEM E . 6.28 -17.90 -23.06
C2B HEM E . 5.56 -17.93 -21.79
C3B HEM E . 6.46 -17.75 -20.81
C4B HEM E . 7.76 -17.60 -21.43
CMB HEM E . 4.03 -18.17 -21.68
CAB HEM E . 6.26 -17.72 -19.28
CBB HEM E . 5.05 -17.88 -18.72
C1C HEM E . 10.20 -17.23 -21.31
C2C HEM E . 11.42 -17.08 -20.55
C3C HEM E . 12.42 -16.92 -21.42
C4C HEM E . 11.88 -16.96 -22.77
CMC HEM E . 11.53 -17.12 -19.00
CAC HEM E . 13.89 -16.74 -21.02
CBC HEM E . 14.72 -17.78 -21.20
C1D HEM E . 12.12 -17.15 -25.24
C2D HEM E . 12.89 -17.16 -26.47
C3D HEM E . 11.93 -17.60 -27.56
C4D HEM E . 10.66 -17.82 -26.90
CMD HEM E . 14.38 -16.81 -26.71
CAD HEM E . 12.31 -17.77 -29.05
CBD HEM E . 12.88 -19.19 -29.17
CGD HEM E . 13.24 -19.58 -30.58
O1D HEM E . 13.93 -20.62 -30.75
O2D HEM E . 12.84 -18.89 -31.54
NA HEM E . 7.91 -18.07 -25.58
NB HEM E . 7.61 -17.70 -22.79
NC HEM E . 10.52 -17.17 -22.65
ND HEM E . 10.83 -17.56 -25.55
FE HEM E . 9.20 -17.69 -24.14
C1 2DC F . 2.99 -10.61 -30.58
O1 2DC F . 1.25 -10.18 -33.90
C2 2DC F . 1.85 -10.32 -31.57
O2 2DC F . 7.95 -14.87 -25.37
C3 2DC F . 2.32 -10.50 -33.00
O3 2DC F . 10.16 -14.21 -24.38
C4 2DC F . 2.77 -11.94 -33.22
C5 2DC F . 3.78 -12.35 -32.16
C6 2DC F . 4.88 -13.00 -32.58
C7 2DC F . 6.03 -13.43 -31.68
C8 2DC F . 5.65 -13.37 -30.20
C9 2DC F . 4.78 -12.14 -29.87
C10 2DC F . 3.51 -12.05 -30.70
C11 2DC F . 4.50 -12.06 -28.36
C12 2DC F . 5.78 -12.10 -27.53
C13 2DC F . 6.59 -13.37 -27.83
C14 2DC F . 6.89 -13.35 -29.31
C15 2DC F . 7.94 -14.42 -29.52
C16 2DC F . 8.79 -14.32 -28.25
C17 2DC F . 8.05 -13.34 -27.34
C18 2DC F . 5.82 -14.63 -27.40
C19 2DC F . 2.44 -13.06 -30.23
C20 2DC F . 8.37 -13.58 -25.84
C21 2DC F . 7.73 -12.51 -24.94
C22 2DC F . 9.88 -13.58 -25.65
C23 2DC F . 10.51 -12.20 -25.77
C24 2DC F . 12.03 -12.27 -25.85
C25 2DC F . 12.65 -10.96 -26.33
C26 2DC F . 14.14 -11.15 -26.57
C27 2DC F . 12.40 -9.84 -25.32
CHA HEM G . -3.95 20.63 26.74
CHB HEM G . -6.93 17.59 24.37
CHC HEM G . -4.96 19.15 20.25
CHD HEM G . -1.63 21.80 22.59
C1A HEM G . -4.92 19.69 26.45
C2A HEM G . -5.77 19.04 27.44
C3A HEM G . -6.59 18.20 26.79
C4A HEM G . -6.31 18.29 25.37
CMA HEM G . -7.65 17.30 27.46
CAA HEM G . -5.74 19.27 28.95
CBA HEM G . -6.67 20.42 29.27
CGA HEM G . -6.93 20.60 30.75
O1A HEM G . -6.08 20.21 31.60
O2A HEM G . -7.99 21.17 31.07
C1B HEM G . -6.68 17.74 23.02
C2B HEM G . -7.38 17.11 21.90
C3B HEM G . -6.82 17.56 20.76
C4B HEM G . -5.75 18.48 21.13
CMB HEM G . -8.57 16.13 22.07
CAB HEM G . -7.13 17.26 19.27
CBB HEM G . -8.14 16.47 18.88
C1C HEM G . -3.95 20.04 20.52
C2C HEM G . -3.23 20.80 19.53
C3C HEM G . -2.31 21.54 20.16
C4C HEM G . -2.40 21.27 21.58
CMC HEM G . -3.53 20.76 18.01
CAC HEM G . -1.31 22.50 19.47
CBC HEM G . -1.55 23.82 19.44
C1D HEM G . -1.93 21.75 23.94
C2D HEM G . -1.20 22.42 25.00
C3D HEM G . -1.93 22.05 26.29
C4D HEM G . -3.02 21.20 25.89
CMD HEM G . 0.04 23.33 24.91
CAD HEM G . -1.56 22.55 27.71
CBD HEM G . -2.02 24.00 27.80
CGD HEM G . -1.79 24.61 29.16
O1D HEM G . -1.79 25.86 29.26
O2D HEM G . -1.64 23.85 30.16
NA HEM G . -5.30 19.22 25.21
NB HEM G . -5.70 18.57 22.51
NC HEM G . -3.42 20.36 21.75
ND HEM G . -3.00 21.05 24.51
FE HEM G . -4.42 19.86 23.48
C1 2DC H . -1.77 11.10 30.60
O1 2DC H . -1.79 9.93 34.21
C2 2DC H . -2.12 10.20 31.77
O2 2DC H . -2.89 17.21 24.76
C3 2DC H . -1.64 10.83 33.08
O3 2DC H . -1.21 18.23 23.22
C4 2DC H . -2.42 12.14 33.27
C5 2DC H . -2.22 13.03 32.06
C6 2DC H . -1.86 14.31 32.27
C7 2DC H . -1.46 15.27 31.16
C8 2DC H . -2.11 14.88 29.84
C9 2DC H . -1.88 13.37 29.56
C10 2DC H . -2.47 12.47 30.68
C11 2DC H . -2.37 13.01 28.16
C12 2DC H . -1.78 13.91 27.06
C13 2DC H . -2.13 15.38 27.31
C14 2DC H . -1.59 15.74 28.69
C15 2DC H . -1.73 17.26 28.77
C16 2DC H . -1.31 17.70 27.37
C17 2DC H . -1.30 16.42 26.51
C18 2DC H . -3.64 15.63 27.21
C19 2DC H . -3.99 12.33 30.50
C20 2DC H . -1.58 16.67 25.01
C21 2DC H . -1.41 15.40 24.17
C22 2DC H . -0.67 17.78 24.47
C23 2DC H . 0.79 17.36 24.31
C24 2DC H . 1.73 18.56 24.43
C25 2DC H . 3.21 18.16 24.42
C26 2DC H . 4.11 19.38 24.26
C27 2DC H . 3.47 17.15 23.29
FE1 FES I . 13.50 -33.93 -28.96
FE2 FES I . 13.38 -36.75 -27.70
S1 FES I . 12.10 -34.97 -27.62
S2 FES I . 14.57 -35.83 -29.32
FE1 FES J . -12.72 34.16 28.64
FE2 FES J . -15.20 35.97 28.16
S1 FES J . -14.73 33.84 27.83
S2 FES J . -13.27 36.22 29.20
#